data_2I7G
#
_entry.id   2I7G
#
_cell.length_a   99.515
_cell.length_b   139.974
_cell.length_c   54.049
_cell.angle_alpha   90.00
_cell.angle_beta   90.00
_cell.angle_gamma   90.00
#
_symmetry.space_group_name_H-M   'P 21 21 2'
#
loop_
_entity.id
_entity.type
_entity.pdbx_description
1 polymer Monooxygenase
2 non-polymer 'SULFATE ION'
3 non-polymer DI(HYDROXYETHYL)ETHER
4 water water
#
_entity_poly.entity_id   1
_entity_poly.type   'polypeptide(L)'
_entity_poly.pdbx_seq_one_letter_code
;(MSE)GSSHHHHHHSSGRENLYFQG(MSE)ELGLYTFADVNPNPADGRGPEGARRLRELLEEIELADQVGLDVFGLGEHH
RPDYVVSSPSTVLAAAAVKTKNIRLTSAVSVLSSDDPVRVFQQFSTVDLLSNGRAEI(MSE)AGRGSFIESYPLFGYDLE
DYDVLFAEKLDLLLALREQEVVTWSGTKHPAINGRGVYPRPLQERLPVWIAVGGTPQSVARAGA(MSE)GLPVALAIIGG
EYRRFAPLFDLYHEAARRAGQEKTKLRTSINVHGFIADTTDKAADQFYGPQAEV(MSE)NRIGRERGWGPTNRAHFDAAR
GPEGNLFLGEPELVAEKIIKAHGVFKNDRFLLQ(MSE)AIGL(MSE)PHDQI(MSE)RGIELYGTKVAPLVRKELTGSAD
PVKATAGS
;
_entity_poly.pdbx_strand_id   A,B
#
loop_
_chem_comp.id
_chem_comp.type
_chem_comp.name
_chem_comp.formula
PEG non-polymer DI(HYDROXYETHYL)ETHER 'C4 H10 O3'
SO4 non-polymer 'SULFATE ION' 'O4 S -2'
#
# COMPACT_ATOMS: atom_id res chain seq x y z
N GLY A 21 -16.45 4.02 -26.05
CA GLY A 21 -15.48 4.51 -27.08
C GLY A 21 -14.09 4.66 -26.48
N MSE A 22 -13.50 5.87 -26.61
CA MSE A 22 -12.13 6.18 -26.19
C MSE A 22 -12.01 6.58 -24.70
O MSE A 22 -12.65 7.53 -24.25
CB MSE A 22 -11.60 7.33 -27.07
CG MSE A 22 -10.27 7.92 -26.62
SE MSE A 22 -8.76 6.79 -27.06
CE MSE A 22 -8.64 7.22 -28.97
N GLU A 23 -11.17 5.85 -23.96
CA GLU A 23 -10.85 6.20 -22.58
C GLU A 23 -9.70 7.18 -22.54
N LEU A 24 -9.87 8.26 -21.80
CA LEU A 24 -8.85 9.28 -21.70
C LEU A 24 -8.31 9.39 -20.29
N GLY A 25 -7.01 9.36 -20.12
CA GLY A 25 -6.48 9.46 -18.78
C GLY A 25 -5.11 10.09 -18.71
N LEU A 26 -4.54 9.99 -17.51
CA LEU A 26 -3.28 10.65 -17.15
C LEU A 26 -2.37 9.62 -16.52
N TYR A 27 -1.06 9.81 -16.62
CA TYR A 27 -0.17 9.00 -15.77
C TYR A 27 1.03 9.86 -15.39
N THR A 28 1.70 9.51 -14.29
CA THR A 28 2.88 10.28 -13.86
C THR A 28 3.77 9.36 -13.01
N PHE A 29 5.03 9.75 -12.90
CA PHE A 29 5.97 9.06 -12.03
C PHE A 29 6.19 9.78 -10.70
N ALA A 30 5.53 10.94 -10.55
CA ALA A 30 5.64 11.74 -9.34
C ALA A 30 7.10 12.16 -9.05
N ASP A 31 7.67 12.90 -10.00
CA ASP A 31 8.99 13.47 -9.93
C ASP A 31 9.12 14.39 -8.73
N VAL A 32 10.31 14.39 -8.14
CA VAL A 32 10.68 15.35 -7.11
C VAL A 32 12.08 15.91 -7.38
N ASN A 33 12.38 17.03 -6.73
CA ASN A 33 13.75 17.55 -6.74
C ASN A 33 14.67 16.54 -6.07
N PRO A 34 15.69 16.04 -6.79
CA PRO A 34 16.64 15.04 -6.21
C PRO A 34 17.54 15.61 -5.10
N ASN A 35 17.59 16.94 -5.00
N ASN A 35 17.67 16.93 -5.03
CA ASN A 35 18.36 17.65 -3.98
CA ASN A 35 18.34 17.55 -3.88
C ASN A 35 17.53 18.80 -3.37
C ASN A 35 17.55 18.75 -3.36
N PRO A 36 16.51 18.46 -2.55
CA PRO A 36 15.66 19.50 -1.99
C PRO A 36 16.42 20.22 -0.89
N ALA A 37 16.14 21.51 -0.73
CA ALA A 37 16.83 22.35 0.25
C ALA A 37 16.55 21.92 1.70
N ASP A 38 15.32 21.45 1.93
CA ASP A 38 14.84 21.11 3.26
C ASP A 38 14.66 19.58 3.47
N GLY A 39 15.31 18.79 2.62
CA GLY A 39 15.45 17.37 2.87
C GLY A 39 14.40 16.58 2.12
N ARG A 40 14.69 15.29 1.92
CA ARG A 40 13.88 14.46 1.06
C ARG A 40 12.49 14.15 1.64
N GLY A 41 12.38 14.09 2.96
CA GLY A 41 11.06 13.84 3.60
C GLY A 41 10.03 14.92 3.30
N PRO A 42 10.30 16.18 3.69
CA PRO A 42 9.35 17.28 3.36
C PRO A 42 9.06 17.38 1.86
N GLU A 43 10.07 17.17 1.02
CA GLU A 43 9.87 17.21 -0.43
C GLU A 43 8.89 16.11 -0.88
N GLY A 44 9.13 14.89 -0.39
CA GLY A 44 8.23 13.76 -0.72
C GLY A 44 6.80 14.02 -0.27
N ALA A 45 6.64 14.57 0.94
CA ALA A 45 5.30 14.79 1.54
C ALA A 45 4.56 15.82 0.66
N ARG A 46 5.26 16.91 0.31
N ARG A 46 5.27 16.90 0.30
CA ARG A 46 4.68 17.92 -0.56
CA ARG A 46 4.75 17.95 -0.59
C ARG A 46 4.24 17.28 -1.89
C ARG A 46 4.29 17.37 -1.94
N ARG A 47 5.14 16.51 -2.52
CA ARG A 47 4.82 15.92 -3.82
C ARG A 47 3.59 15.02 -3.75
N LEU A 48 3.48 14.22 -2.70
CA LEU A 48 2.34 13.30 -2.58
C LEU A 48 1.03 14.09 -2.34
N ARG A 49 1.10 15.14 -1.52
N ARG A 49 1.09 15.15 -1.56
CA ARG A 49 -0.01 16.09 -1.37
CA ARG A 49 -0.10 16.02 -1.39
C ARG A 49 -0.53 16.51 -2.76
C ARG A 49 -0.57 16.63 -2.73
N GLU A 50 0.38 17.09 -3.54
CA GLU A 50 0.08 17.61 -4.88
C GLU A 50 -0.45 16.51 -5.80
N LEU A 51 0.15 15.33 -5.71
CA LEU A 51 -0.29 14.22 -6.53
C LEU A 51 -1.74 13.82 -6.27
N LEU A 52 -2.10 13.69 -5.00
N LEU A 52 -2.11 13.74 -4.99
CA LEU A 52 -3.48 13.41 -4.66
CA LEU A 52 -3.50 13.43 -4.63
C LEU A 52 -4.39 14.52 -5.24
C LEU A 52 -4.47 14.54 -5.06
N GLU A 53 -3.97 15.78 -5.10
CA GLU A 53 -4.73 16.87 -5.70
C GLU A 53 -4.92 16.69 -7.21
N GLU A 54 -3.89 16.22 -7.90
CA GLU A 54 -3.99 15.94 -9.35
C GLU A 54 -5.05 14.88 -9.60
N ILE A 55 -5.02 13.80 -8.83
CA ILE A 55 -5.90 12.68 -9.05
C ILE A 55 -7.38 13.09 -8.73
N GLU A 56 -7.57 13.81 -7.62
N GLU A 56 -7.57 13.80 -7.62
CA GLU A 56 -8.89 14.28 -7.22
CA GLU A 56 -8.91 14.28 -7.25
C GLU A 56 -9.48 15.22 -8.28
C GLU A 56 -9.49 15.18 -8.36
N LEU A 57 -8.67 16.10 -8.86
CA LEU A 57 -9.15 17.03 -9.89
C LEU A 57 -9.52 16.22 -11.15
N ALA A 58 -8.66 15.26 -11.50
CA ALA A 58 -8.90 14.43 -12.70
C ALA A 58 -10.24 13.69 -12.56
N ASP A 59 -10.50 13.13 -11.38
CA ASP A 59 -11.78 12.47 -11.12
C ASP A 59 -12.94 13.48 -11.30
N GLN A 60 -12.77 14.67 -10.74
CA GLN A 60 -13.82 15.69 -10.71
C GLN A 60 -14.17 16.23 -12.10
N VAL A 61 -13.18 16.33 -12.98
CA VAL A 61 -13.43 16.81 -14.34
C VAL A 61 -13.70 15.63 -15.30
N GLY A 62 -13.89 14.42 -14.76
CA GLY A 62 -14.42 13.28 -15.55
C GLY A 62 -13.45 12.49 -16.42
N LEU A 63 -12.15 12.62 -16.14
CA LEU A 63 -11.15 11.77 -16.78
C LEU A 63 -11.26 10.31 -16.32
N ASP A 64 -10.88 9.39 -17.20
CA ASP A 64 -11.27 7.98 -17.03
C ASP A 64 -10.30 7.12 -16.27
N VAL A 65 -9.01 7.47 -16.32
CA VAL A 65 -7.95 6.62 -15.77
C VAL A 65 -6.84 7.51 -15.24
N PHE A 66 -6.24 7.09 -14.13
CA PHE A 66 -5.02 7.73 -13.64
C PHE A 66 -4.01 6.65 -13.27
N GLY A 67 -2.83 6.76 -13.86
CA GLY A 67 -1.73 5.76 -13.67
C GLY A 67 -0.57 6.32 -12.88
N LEU A 68 0.07 5.50 -12.05
CA LEU A 68 1.27 5.91 -11.31
C LEU A 68 2.37 4.89 -11.55
N GLY A 69 3.56 5.34 -11.93
CA GLY A 69 4.65 4.40 -12.25
C GLY A 69 5.54 4.14 -11.06
N GLU A 70 6.16 2.96 -11.02
CA GLU A 70 7.06 2.54 -9.93
C GLU A 70 8.52 2.88 -10.32
N HIS A 71 9.22 3.62 -9.44
CA HIS A 71 10.67 3.91 -9.58
C HIS A 71 11.40 3.80 -8.26
N HIS A 72 12.73 3.74 -8.35
CA HIS A 72 13.58 3.39 -7.20
C HIS A 72 14.79 4.33 -7.24
N ARG A 73 14.50 5.62 -7.17
CA ARG A 73 15.54 6.64 -7.36
C ARG A 73 15.23 7.87 -6.53
N PRO A 74 16.25 8.68 -6.19
CA PRO A 74 15.93 9.86 -5.39
C PRO A 74 15.08 10.93 -6.10
N ASP A 75 14.94 10.87 -7.42
CA ASP A 75 14.11 11.87 -8.12
C ASP A 75 12.66 11.49 -8.37
N TYR A 76 12.20 10.39 -7.75
CA TYR A 76 10.79 9.98 -7.85
C TYR A 76 10.31 9.53 -6.48
N VAL A 77 9.08 9.93 -6.14
CA VAL A 77 8.55 9.56 -4.80
C VAL A 77 7.75 8.26 -4.80
N VAL A 78 7.37 7.74 -5.97
CA VAL A 78 6.51 6.55 -5.97
C VAL A 78 7.31 5.29 -6.27
N SER A 79 7.73 4.57 -5.22
CA SER A 79 8.31 3.24 -5.39
C SER A 79 7.24 2.16 -5.15
N SER A 80 6.08 2.57 -4.64
N SER A 80 6.08 2.58 -4.66
CA SER A 80 4.99 1.62 -4.36
CA SER A 80 4.98 1.67 -4.35
C SER A 80 3.68 2.22 -4.85
C SER A 80 3.67 2.28 -4.87
N PRO A 81 3.39 2.11 -6.17
CA PRO A 81 2.17 2.68 -6.75
C PRO A 81 0.90 2.22 -6.02
N SER A 82 0.81 0.94 -5.63
CA SER A 82 -0.43 0.45 -5.00
C SER A 82 -0.71 1.21 -3.69
N THR A 83 0.36 1.52 -2.94
CA THR A 83 0.17 2.23 -1.66
C THR A 83 -0.47 3.59 -1.88
N VAL A 84 0.06 4.34 -2.86
CA VAL A 84 -0.49 5.65 -3.18
C VAL A 84 -1.90 5.56 -3.81
N LEU A 85 -2.12 4.58 -4.68
CA LEU A 85 -3.44 4.40 -5.26
C LEU A 85 -4.52 4.08 -4.21
N ALA A 86 -4.14 3.41 -3.11
CA ALA A 86 -5.12 3.18 -2.00
C ALA A 86 -5.62 4.50 -1.43
N ALA A 87 -4.71 5.47 -1.28
CA ALA A 87 -5.09 6.82 -0.82
C ALA A 87 -6.00 7.51 -1.86
N ALA A 88 -5.66 7.40 -3.14
CA ALA A 88 -6.45 7.97 -4.21
C ALA A 88 -7.85 7.36 -4.21
N ALA A 89 -7.93 6.05 -3.96
CA ALA A 89 -9.18 5.31 -3.99
C ALA A 89 -10.24 5.96 -3.12
N VAL A 90 -9.85 6.35 -1.90
CA VAL A 90 -10.82 6.84 -0.93
C VAL A 90 -11.11 8.35 -1.06
N LYS A 91 -10.42 9.00 -2.00
N LYS A 91 -10.46 9.00 -2.01
CA LYS A 91 -10.56 10.44 -2.28
CA LYS A 91 -10.64 10.43 -2.26
C LYS A 91 -11.20 10.68 -3.68
C LYS A 91 -11.39 10.68 -3.59
N THR A 92 -11.65 9.61 -4.32
CA THR A 92 -12.22 9.67 -5.67
C THR A 92 -13.44 8.74 -5.78
N LYS A 93 -14.23 8.94 -6.83
CA LYS A 93 -15.43 8.14 -7.06
C LYS A 93 -15.48 7.34 -8.38
N ASN A 94 -14.96 7.90 -9.46
N ASN A 94 -14.94 7.93 -9.45
CA ASN A 94 -15.15 7.26 -10.77
CA ASN A 94 -15.16 7.44 -10.82
C ASN A 94 -13.86 6.86 -11.48
C ASN A 94 -13.91 6.96 -11.55
N ILE A 95 -12.81 7.67 -11.33
CA ILE A 95 -11.62 7.47 -12.12
C ILE A 95 -10.99 6.08 -11.82
N ARG A 96 -10.54 5.40 -12.87
CA ARG A 96 -9.88 4.11 -12.68
C ARG A 96 -8.42 4.35 -12.28
N LEU A 97 -7.88 3.40 -11.54
CA LEU A 97 -6.62 3.63 -10.82
C LEU A 97 -5.65 2.47 -11.14
N THR A 98 -4.57 2.79 -11.83
CA THR A 98 -3.67 1.73 -12.34
C THR A 98 -2.21 2.06 -12.01
N SER A 99 -1.36 1.04 -11.94
CA SER A 99 0.08 1.30 -12.02
C SER A 99 0.40 1.61 -13.49
N ALA A 100 1.56 2.24 -13.71
CA ALA A 100 1.99 2.63 -15.07
C ALA A 100 3.46 2.94 -15.05
N VAL A 101 4.31 1.96 -14.75
CA VAL A 101 4.01 0.54 -14.68
C VAL A 101 4.38 -0.07 -13.36
N SER A 102 3.87 -1.27 -13.11
CA SER A 102 4.42 -2.16 -12.10
C SER A 102 5.61 -2.91 -12.72
N VAL A 103 6.79 -2.83 -12.12
CA VAL A 103 7.95 -3.59 -12.63
C VAL A 103 7.80 -5.01 -12.04
N LEU A 104 6.93 -5.78 -12.69
CA LEU A 104 6.49 -7.05 -12.10
C LEU A 104 7.66 -8.06 -11.95
N SER A 105 8.58 -8.03 -12.92
CA SER A 105 9.73 -8.94 -12.93
C SER A 105 10.51 -8.97 -11.61
N SER A 106 10.55 -7.83 -10.90
CA SER A 106 11.34 -7.76 -9.67
C SER A 106 10.49 -7.73 -8.37
N ASP A 107 9.21 -8.09 -8.51
CA ASP A 107 8.29 -8.09 -7.36
C ASP A 107 7.73 -9.48 -7.12
N ASP A 108 6.95 -9.62 -6.05
CA ASP A 108 6.29 -10.91 -5.77
C ASP A 108 4.84 -10.77 -6.25
N PRO A 109 4.46 -11.55 -7.28
CA PRO A 109 3.10 -11.43 -7.81
C PRO A 109 1.98 -11.64 -6.76
N VAL A 110 2.23 -12.48 -5.72
CA VAL A 110 1.23 -12.64 -4.65
C VAL A 110 0.99 -11.28 -3.97
N ARG A 111 2.09 -10.61 -3.58
CA ARG A 111 1.98 -9.29 -2.94
C ARG A 111 1.34 -8.26 -3.85
N VAL A 112 1.73 -8.26 -5.14
CA VAL A 112 1.17 -7.32 -6.09
C VAL A 112 -0.35 -7.55 -6.22
N PHE A 113 -0.74 -8.80 -6.35
CA PHE A 113 -2.18 -9.12 -6.41
C PHE A 113 -2.92 -8.65 -5.14
N GLN A 114 -2.38 -8.99 -3.97
CA GLN A 114 -2.99 -8.58 -2.69
C GLN A 114 -3.11 -7.06 -2.58
N GLN A 115 -2.04 -6.33 -2.95
CA GLN A 115 -2.11 -4.88 -2.88
C GLN A 115 -3.17 -4.29 -3.80
N PHE A 116 -3.16 -4.71 -5.07
CA PHE A 116 -4.12 -4.19 -6.05
C PHE A 116 -5.56 -4.65 -5.79
N SER A 117 -5.71 -5.88 -5.27
N SER A 117 -5.72 -5.87 -5.27
CA SER A 117 -7.01 -6.36 -4.86
CA SER A 117 -7.03 -6.35 -4.85
C SER A 117 -7.55 -5.46 -3.74
C SER A 117 -7.57 -5.48 -3.72
N THR A 118 -6.67 -5.08 -2.82
CA THR A 118 -7.05 -4.19 -1.71
C THR A 118 -7.45 -2.80 -2.25
N VAL A 119 -6.68 -2.26 -3.20
CA VAL A 119 -7.05 -1.01 -3.85
C VAL A 119 -8.43 -1.19 -4.53
N ASP A 120 -8.64 -2.36 -5.14
CA ASP A 120 -9.92 -2.67 -5.80
C ASP A 120 -11.12 -2.60 -4.82
N LEU A 121 -10.95 -3.21 -3.66
CA LEU A 121 -11.95 -3.11 -2.60
C LEU A 121 -12.15 -1.67 -2.09
N LEU A 122 -11.05 -0.94 -1.84
CA LEU A 122 -11.13 0.43 -1.33
C LEU A 122 -11.83 1.37 -2.35
N SER A 123 -11.64 1.08 -3.63
CA SER A 123 -12.17 1.90 -4.74
C SER A 123 -13.48 1.40 -5.36
N ASN A 124 -14.04 0.35 -4.77
N ASN A 124 -14.11 0.40 -4.75
CA ASN A 124 -15.27 -0.26 -5.28
CA ASN A 124 -15.28 -0.26 -5.35
C ASN A 124 -15.18 -0.71 -6.77
C ASN A 124 -15.12 -0.62 -6.82
N GLY A 125 -14.08 -1.39 -7.10
CA GLY A 125 -13.91 -2.02 -8.40
C GLY A 125 -13.22 -1.21 -9.49
N ARG A 126 -12.29 -0.33 -9.08
CA ARG A 126 -11.63 0.56 -10.04
C ARG A 126 -10.12 0.34 -10.25
N ALA A 127 -9.56 -0.72 -9.63
CA ALA A 127 -8.10 -0.97 -9.73
C ALA A 127 -7.69 -1.67 -11.02
N GLU A 128 -6.47 -1.40 -11.47
CA GLU A 128 -5.86 -2.17 -12.58
C GLU A 128 -4.36 -2.24 -12.36
N ILE A 129 -3.76 -3.25 -12.98
CA ILE A 129 -2.29 -3.38 -13.04
C ILE A 129 -1.83 -3.22 -14.48
N MSE A 130 -0.85 -2.34 -14.70
N MSE A 130 -0.83 -2.37 -14.71
CA MSE A 130 -0.10 -2.33 -15.95
CA MSE A 130 -0.12 -2.35 -15.99
C MSE A 130 1.30 -2.83 -15.61
C MSE A 130 1.33 -2.74 -15.77
O MSE A 130 2.01 -2.22 -14.78
O MSE A 130 2.12 -1.96 -15.24
CB MSE A 130 -0.05 -0.93 -16.58
CB MSE A 130 -0.21 -0.97 -16.65
CG MSE A 130 0.65 -0.89 -17.92
CG MSE A 130 0.21 -0.95 -18.13
SE MSE A 130 1.16 0.95 -18.42
SE MSE A 130 0.41 0.89 -18.73
CE MSE A 130 -0.53 1.82 -18.21
CE MSE A 130 -1.15 1.67 -17.87
N ALA A 131 1.68 -3.95 -16.22
CA ALA A 131 3.00 -4.58 -15.93
C ALA A 131 3.94 -4.47 -17.12
N GLY A 132 5.20 -4.17 -16.83
CA GLY A 132 6.17 -4.12 -17.90
C GLY A 132 7.56 -3.82 -17.39
N ARG A 133 8.43 -3.62 -18.36
CA ARG A 133 9.84 -3.43 -18.11
C ARG A 133 10.07 -2.10 -17.41
N GLY A 134 9.37 -1.08 -17.89
CA GLY A 134 9.73 0.30 -17.66
C GLY A 134 10.98 0.64 -18.46
N SER A 135 11.51 1.84 -18.29
CA SER A 135 12.77 2.16 -18.93
C SER A 135 13.95 2.31 -17.94
N PHE A 136 13.77 1.83 -16.70
CA PHE A 136 14.81 2.03 -15.68
C PHE A 136 15.22 0.68 -15.13
N ILE A 137 16.39 0.64 -14.53
N ILE A 137 16.42 0.59 -14.58
CA ILE A 137 17.00 -0.64 -14.12
CA ILE A 137 16.89 -0.71 -14.06
C ILE A 137 17.39 -0.75 -12.64
C ILE A 137 17.52 -0.65 -12.67
N GLU A 138 17.01 0.24 -11.83
CA GLU A 138 17.38 0.29 -10.42
C GLU A 138 16.73 -0.84 -9.61
N SER A 139 15.60 -1.39 -10.07
CA SER A 139 14.93 -2.42 -9.21
C SER A 139 15.74 -3.70 -9.14
N TYR A 140 16.47 -4.03 -10.20
N TYR A 140 16.47 -4.03 -10.21
CA TYR A 140 17.21 -5.30 -10.20
CA TYR A 140 17.27 -5.27 -10.23
C TYR A 140 18.32 -5.42 -9.12
C TYR A 140 18.27 -5.37 -9.10
N PRO A 141 19.24 -4.43 -9.01
CA PRO A 141 20.20 -4.51 -7.91
C PRO A 141 19.57 -4.38 -6.52
N LEU A 142 18.47 -3.63 -6.44
CA LEU A 142 17.82 -3.44 -5.16
C LEU A 142 17.18 -4.73 -4.66
N PHE A 143 16.54 -5.45 -5.56
CA PHE A 143 15.83 -6.68 -5.18
C PHE A 143 16.55 -8.00 -5.49
N GLY A 144 17.79 -7.92 -5.96
CA GLY A 144 18.63 -9.12 -6.08
C GLY A 144 18.46 -9.93 -7.36
N TYR A 145 18.03 -9.27 -8.44
CA TYR A 145 17.84 -9.95 -9.73
C TYR A 145 18.89 -9.57 -10.78
N ASP A 146 19.15 -10.48 -11.70
N ASP A 146 19.09 -10.50 -11.70
CA ASP A 146 20.06 -10.22 -12.81
CA ASP A 146 20.01 -10.41 -12.81
C ASP A 146 19.24 -9.85 -14.04
C ASP A 146 19.26 -9.78 -13.98
N LEU A 147 19.58 -8.75 -14.71
N LEU A 147 19.77 -8.67 -14.51
CA LEU A 147 18.80 -8.32 -15.87
CA LEU A 147 19.09 -7.95 -15.57
C LEU A 147 18.83 -9.37 -16.98
C LEU A 147 18.81 -8.87 -16.77
N GLU A 148 19.87 -10.20 -16.99
N GLU A 148 19.67 -9.85 -16.97
CA GLU A 148 19.96 -11.31 -17.95
CA GLU A 148 19.54 -10.74 -18.13
C GLU A 148 18.81 -12.31 -17.80
C GLU A 148 18.48 -11.85 -17.98
N ASP A 149 18.04 -12.14 -16.73
CA ASP A 149 16.91 -13.02 -16.49
C ASP A 149 15.56 -12.33 -16.71
N TYR A 150 15.59 -11.12 -17.25
CA TYR A 150 14.36 -10.32 -17.39
C TYR A 150 13.21 -11.12 -18.00
N ASP A 151 13.50 -11.75 -19.13
CA ASP A 151 12.43 -12.43 -19.90
C ASP A 151 11.77 -13.57 -19.14
N VAL A 152 12.57 -14.43 -18.50
CA VAL A 152 12.03 -15.51 -17.66
C VAL A 152 11.32 -14.99 -16.42
N LEU A 153 11.92 -14.01 -15.72
CA LEU A 153 11.27 -13.40 -14.55
C LEU A 153 9.88 -12.86 -14.90
N PHE A 154 9.81 -12.13 -16.00
CA PHE A 154 8.52 -11.50 -16.40
C PHE A 154 7.49 -12.58 -16.85
N ALA A 155 7.93 -13.51 -17.67
CA ALA A 155 7.04 -14.59 -18.13
C ALA A 155 6.47 -15.35 -16.95
N GLU A 156 7.33 -15.78 -16.02
CA GLU A 156 6.86 -16.58 -14.91
C GLU A 156 5.96 -15.77 -13.99
N LYS A 157 6.36 -14.55 -13.68
CA LYS A 157 5.62 -13.74 -12.70
C LYS A 157 4.27 -13.29 -13.27
N LEU A 158 4.23 -13.01 -14.56
CA LEU A 158 2.98 -12.71 -15.25
C LEU A 158 2.03 -13.95 -15.25
N ASP A 159 2.55 -15.12 -15.63
CA ASP A 159 1.83 -16.38 -15.51
C ASP A 159 1.21 -16.55 -14.11
N LEU A 160 2.05 -16.48 -13.08
CA LEU A 160 1.56 -16.53 -11.72
C LEU A 160 0.49 -15.41 -11.41
N LEU A 161 0.74 -14.16 -11.79
CA LEU A 161 -0.26 -13.08 -11.56
C LEU A 161 -1.62 -13.43 -12.19
N LEU A 162 -1.56 -13.94 -13.42
CA LEU A 162 -2.78 -14.33 -14.13
C LEU A 162 -3.50 -15.51 -13.45
N ALA A 163 -2.74 -16.49 -12.94
CA ALA A 163 -3.34 -17.61 -12.20
C ALA A 163 -4.05 -17.10 -10.94
N LEU A 164 -3.41 -16.16 -10.25
CA LEU A 164 -3.98 -15.60 -9.01
C LEU A 164 -5.32 -14.94 -9.26
N ARG A 165 -5.42 -14.18 -10.35
CA ARG A 165 -6.64 -13.43 -10.61
C ARG A 165 -7.76 -14.32 -11.12
N GLU A 166 -7.41 -15.49 -11.67
N GLU A 166 -7.37 -15.46 -11.71
CA GLU A 166 -8.39 -16.37 -12.30
CA GLU A 166 -8.29 -16.45 -12.28
C GLU A 166 -9.21 -17.22 -11.31
C GLU A 166 -9.25 -17.00 -11.23
N GLN A 167 -8.70 -17.42 -10.09
CA GLN A 167 -9.47 -18.16 -9.06
C GLN A 167 -8.84 -18.01 -7.68
N GLU A 168 -9.61 -18.33 -6.65
CA GLU A 168 -9.22 -18.08 -5.28
C GLU A 168 -8.01 -18.92 -4.83
N VAL A 169 -8.05 -20.21 -5.17
CA VAL A 169 -7.06 -21.16 -4.66
C VAL A 169 -6.17 -21.55 -5.84
N VAL A 170 -4.87 -21.42 -5.67
CA VAL A 170 -3.96 -21.70 -6.79
C VAL A 170 -2.89 -22.71 -6.46
N THR A 171 -2.46 -23.40 -7.51
CA THR A 171 -1.34 -24.29 -7.48
C THR A 171 -0.45 -23.85 -8.64
N TRP A 172 0.79 -23.47 -8.33
CA TRP A 172 1.70 -22.91 -9.32
C TRP A 172 3.13 -23.31 -8.95
N SER A 173 3.95 -23.56 -9.96
CA SER A 173 5.38 -23.72 -9.73
C SER A 173 6.18 -23.25 -10.94
N GLY A 174 7.44 -22.89 -10.70
CA GLY A 174 8.31 -22.41 -11.77
C GLY A 174 9.75 -22.49 -11.31
N THR A 175 10.59 -21.63 -11.88
CA THR A 175 12.03 -21.62 -11.61
C THR A 175 12.47 -20.35 -10.86
N LYS A 176 11.63 -19.32 -10.89
CA LYS A 176 12.03 -18.00 -10.41
C LYS A 176 11.15 -17.46 -9.29
N HIS A 177 10.32 -18.32 -8.72
CA HIS A 177 9.44 -17.93 -7.62
C HIS A 177 9.13 -19.24 -6.94
N PRO A 178 9.04 -19.23 -5.58
CA PRO A 178 8.64 -20.43 -4.83
C PRO A 178 7.28 -20.97 -5.27
N ALA A 179 7.10 -22.27 -5.10
CA ALA A 179 5.85 -22.92 -5.45
C ALA A 179 4.71 -22.49 -4.52
N ILE A 180 3.48 -22.56 -5.05
CA ILE A 180 2.28 -22.40 -4.25
C ILE A 180 1.45 -23.67 -4.42
N ASN A 181 1.21 -24.33 -3.31
CA ASN A 181 0.53 -25.63 -3.32
C ASN A 181 -0.88 -25.56 -2.75
N GLY A 182 -1.84 -25.31 -3.64
CA GLY A 182 -3.24 -25.21 -3.25
C GLY A 182 -3.51 -24.23 -2.11
N ARG A 183 -3.11 -22.97 -2.25
N ARG A 183 -3.09 -22.97 -2.29
CA ARG A 183 -3.46 -21.99 -1.23
CA ARG A 183 -3.32 -21.88 -1.32
C ARG A 183 -4.28 -20.88 -1.84
C ARG A 183 -4.31 -20.87 -1.88
N GLY A 184 -5.18 -20.35 -1.01
CA GLY A 184 -6.02 -19.22 -1.37
C GLY A 184 -5.20 -17.96 -1.22
N VAL A 185 -5.53 -16.94 -2.02
CA VAL A 185 -4.87 -15.67 -1.86
C VAL A 185 -5.94 -14.61 -1.61
N TYR A 186 -5.76 -13.84 -0.52
CA TYR A 186 -6.81 -12.93 -0.01
C TYR A 186 -6.26 -11.52 0.19
N PRO A 187 -7.12 -10.48 0.13
CA PRO A 187 -8.56 -10.66 -0.12
C PRO A 187 -8.86 -10.76 -1.62
N ARG A 188 -10.03 -11.33 -1.94
CA ARG A 188 -10.49 -11.35 -3.35
C ARG A 188 -10.94 -9.95 -3.77
N PRO A 189 -10.64 -9.56 -5.02
CA PRO A 189 -11.10 -8.23 -5.41
C PRO A 189 -12.61 -8.15 -5.70
N LEU A 190 -13.09 -6.97 -6.04
CA LEU A 190 -14.49 -6.80 -6.40
C LEU A 190 -14.73 -7.16 -7.87
N GLN A 191 -13.83 -6.74 -8.75
CA GLN A 191 -13.96 -7.04 -10.17
C GLN A 191 -13.81 -8.54 -10.38
N GLU A 192 -14.59 -9.06 -11.33
CA GLU A 192 -14.55 -10.48 -11.65
C GLU A 192 -13.19 -10.88 -12.13
N ARG A 193 -12.58 -9.99 -12.92
CA ARG A 193 -11.27 -10.20 -13.47
C ARG A 193 -10.50 -8.87 -13.42
N LEU A 194 -9.69 -8.72 -12.39
CA LEU A 194 -8.88 -7.51 -12.20
C LEU A 194 -8.03 -7.29 -13.46
N PRO A 195 -8.23 -6.17 -14.17
CA PRO A 195 -7.49 -6.00 -15.42
C PRO A 195 -5.96 -5.93 -15.27
N VAL A 196 -5.26 -6.60 -16.18
CA VAL A 196 -3.82 -6.59 -16.25
C VAL A 196 -3.47 -6.24 -17.69
N TRP A 197 -2.80 -5.08 -17.84
CA TRP A 197 -2.31 -4.60 -19.12
C TRP A 197 -0.80 -4.87 -19.18
N ILE A 198 -0.32 -5.11 -20.38
CA ILE A 198 1.13 -5.24 -20.58
C ILE A 198 1.62 -3.97 -21.27
N ALA A 199 2.60 -3.33 -20.65
CA ALA A 199 3.27 -2.19 -21.22
C ALA A 199 4.39 -2.70 -22.12
N VAL A 200 4.30 -2.38 -23.39
CA VAL A 200 5.35 -2.65 -24.38
C VAL A 200 5.92 -1.26 -24.79
N GLY A 201 7.21 -1.07 -25.04
CA GLY A 201 8.07 -2.01 -25.73
C GLY A 201 8.46 -1.26 -27.01
N GLY A 202 7.90 -1.69 -28.12
CA GLY A 202 8.32 -1.13 -29.39
C GLY A 202 9.16 -2.16 -30.10
N THR A 203 9.27 -3.33 -29.46
CA THR A 203 9.93 -4.50 -30.06
C THR A 203 8.81 -5.46 -30.48
N PRO A 204 8.84 -5.88 -31.76
CA PRO A 204 7.85 -6.79 -32.33
C PRO A 204 7.66 -8.06 -31.48
N GLN A 205 8.76 -8.52 -30.88
CA GLN A 205 8.71 -9.69 -30.02
C GLN A 205 7.74 -9.48 -28.83
N SER A 206 7.85 -8.32 -28.18
CA SER A 206 7.04 -8.00 -27.00
C SER A 206 5.53 -7.98 -27.27
N VAL A 207 5.13 -7.33 -28.37
CA VAL A 207 3.71 -7.18 -28.73
C VAL A 207 3.08 -8.51 -29.18
N ALA A 208 3.86 -9.34 -29.85
CA ALA A 208 3.37 -10.64 -30.34
C ALA A 208 3.18 -11.64 -29.17
N ARG A 209 4.08 -11.58 -28.19
N ARG A 209 4.08 -11.57 -28.18
CA ARG A 209 3.90 -12.34 -26.95
CA ARG A 209 3.93 -12.32 -26.93
C ARG A 209 2.54 -12.01 -26.32
C ARG A 209 2.58 -12.01 -26.27
N ALA A 210 2.28 -10.72 -26.15
CA ALA A 210 1.05 -10.25 -25.48
C ALA A 210 -0.20 -10.56 -26.32
N GLY A 211 -0.08 -10.36 -27.63
CA GLY A 211 -1.12 -10.72 -28.58
C GLY A 211 -1.50 -12.19 -28.49
N ALA A 212 -0.51 -13.06 -28.54
CA ALA A 212 -0.78 -14.51 -28.47
C ALA A 212 -1.47 -14.89 -27.14
N MSE A 213 -1.26 -14.10 -26.09
CA MSE A 213 -1.91 -14.28 -24.78
C MSE A 213 -3.29 -13.61 -24.65
O MSE A 213 -3.98 -13.80 -23.65
CB MSE A 213 -0.99 -13.78 -23.66
CG MSE A 213 0.26 -14.63 -23.48
SE MSE A 213 1.48 -13.98 -22.16
CE MSE A 213 0.56 -14.66 -20.58
N GLY A 214 -3.66 -12.79 -25.62
CA GLY A 214 -4.93 -12.05 -25.59
C GLY A 214 -5.02 -10.96 -24.52
N LEU A 215 -3.87 -10.44 -24.10
CA LEU A 215 -3.86 -9.41 -23.05
C LEU A 215 -3.88 -8.02 -23.67
N PRO A 216 -4.56 -7.05 -23.01
CA PRO A 216 -4.49 -5.67 -23.51
C PRO A 216 -3.06 -5.10 -23.42
N VAL A 217 -2.70 -4.25 -24.37
CA VAL A 217 -1.35 -3.71 -24.43
C VAL A 217 -1.30 -2.19 -24.44
N ALA A 218 -0.32 -1.64 -23.74
CA ALA A 218 -0.11 -0.21 -23.71
C ALA A 218 1.27 0.08 -24.30
N LEU A 219 1.28 0.90 -25.35
CA LEU A 219 2.50 1.26 -26.01
C LEU A 219 2.98 2.67 -25.63
N ALA A 220 4.17 2.77 -25.06
CA ALA A 220 4.78 4.07 -24.80
C ALA A 220 5.33 4.62 -26.12
N ILE A 221 4.88 5.81 -26.50
CA ILE A 221 5.42 6.52 -27.69
C ILE A 221 6.36 7.59 -27.14
N ILE A 222 7.66 7.35 -27.17
CA ILE A 222 8.54 8.21 -26.33
C ILE A 222 9.36 9.28 -27.08
N GLY A 223 9.60 9.03 -28.36
CA GLY A 223 10.37 9.94 -29.22
C GLY A 223 10.04 9.60 -30.66
N GLY A 224 10.57 10.41 -31.60
CA GLY A 224 10.30 10.23 -33.03
C GLY A 224 8.87 10.52 -33.41
N GLU A 225 8.46 10.00 -34.56
CA GLU A 225 7.12 10.24 -35.09
C GLU A 225 6.18 9.12 -34.69
N TYR A 226 4.98 9.47 -34.25
CA TYR A 226 4.09 8.45 -33.67
C TYR A 226 3.67 7.35 -34.64
N ARG A 227 3.46 7.68 -35.92
CA ARG A 227 2.96 6.65 -36.85
C ARG A 227 3.94 5.52 -37.14
N ARG A 228 5.21 5.69 -36.77
CA ARG A 228 6.22 4.63 -36.95
C ARG A 228 5.92 3.40 -36.08
N PHE A 229 5.02 3.56 -35.13
CA PHE A 229 4.61 2.47 -34.25
C PHE A 229 3.40 1.70 -34.75
N ALA A 230 2.76 2.19 -35.81
CA ALA A 230 1.57 1.53 -36.36
C ALA A 230 1.75 0.01 -36.62
N PRO A 231 2.90 -0.40 -37.22
CA PRO A 231 3.10 -1.85 -37.44
C PRO A 231 3.09 -2.68 -36.16
N LEU A 232 3.41 -2.08 -35.01
CA LEU A 232 3.41 -2.82 -33.75
C LEU A 232 2.00 -3.28 -33.38
N PHE A 233 1.01 -2.41 -33.60
CA PHE A 233 -0.39 -2.79 -33.39
C PHE A 233 -0.88 -3.80 -34.43
N ASP A 234 -0.42 -3.65 -35.67
CA ASP A 234 -0.66 -4.68 -36.68
C ASP A 234 -0.16 -6.04 -36.21
N LEU A 235 1.07 -6.07 -35.72
CA LEU A 235 1.68 -7.30 -35.25
C LEU A 235 0.96 -7.90 -34.03
N TYR A 236 0.59 -7.03 -33.08
CA TYR A 236 -0.27 -7.43 -31.95
C TYR A 236 -1.54 -8.15 -32.43
N HIS A 237 -2.25 -7.52 -33.36
CA HIS A 237 -3.52 -8.07 -33.85
C HIS A 237 -3.33 -9.38 -34.60
N GLU A 238 -2.27 -9.44 -35.41
CA GLU A 238 -1.84 -10.67 -36.12
C GLU A 238 -1.43 -11.84 -35.21
N ALA A 239 -0.68 -11.55 -34.15
CA ALA A 239 -0.29 -12.57 -33.17
C ALA A 239 -1.53 -13.16 -32.50
N ALA A 240 -2.47 -12.27 -32.18
CA ALA A 240 -3.75 -12.66 -31.60
C ALA A 240 -4.56 -13.50 -32.58
N ARG A 241 -4.89 -12.92 -33.75
CA ARG A 241 -5.65 -13.59 -34.82
C ARG A 241 -5.06 -14.97 -35.13
N ARG A 242 -3.73 -15.03 -35.21
CA ARG A 242 -2.98 -16.27 -35.40
C ARG A 242 -3.33 -17.25 -34.30
N ALA A 243 -3.05 -16.88 -33.06
CA ALA A 243 -3.32 -17.72 -31.88
C ALA A 243 -4.82 -17.94 -31.64
N GLY A 244 -5.66 -17.47 -32.57
CA GLY A 244 -7.10 -17.54 -32.43
C GLY A 244 -7.60 -16.95 -31.12
N GLN A 245 -7.12 -15.74 -30.83
CA GLN A 245 -7.66 -14.96 -29.73
C GLN A 245 -8.79 -14.09 -30.28
N GLU A 246 -9.87 -13.98 -29.50
N GLU A 246 -9.84 -13.96 -29.48
CA GLU A 246 -11.07 -13.25 -29.94
CA GLU A 246 -11.03 -13.18 -29.83
C GLU A 246 -10.81 -11.75 -30.09
C GLU A 246 -10.68 -11.71 -30.09
N LYS A 247 -10.89 -11.28 -31.35
CA LYS A 247 -10.62 -9.88 -31.74
C LYS A 247 -11.17 -8.87 -30.76
N THR A 248 -12.42 -9.08 -30.37
CA THR A 248 -13.20 -8.09 -29.62
C THR A 248 -12.80 -8.01 -28.14
N LYS A 249 -12.03 -8.99 -27.66
CA LYS A 249 -11.45 -8.96 -26.31
C LYS A 249 -10.19 -8.08 -26.20
N LEU A 250 -9.58 -7.76 -27.34
CA LEU A 250 -8.29 -7.08 -27.37
C LEU A 250 -8.44 -5.56 -27.17
N ARG A 251 -7.64 -5.01 -26.26
N ARG A 251 -7.64 -5.00 -26.27
CA ARG A 251 -7.61 -3.56 -26.03
CA ARG A 251 -7.64 -3.55 -26.06
C ARG A 251 -6.21 -3.03 -26.24
C ARG A 251 -6.23 -3.00 -26.20
N THR A 252 -6.12 -1.78 -26.70
CA THR A 252 -4.82 -1.16 -26.92
C THR A 252 -4.84 0.29 -26.42
N SER A 253 -3.69 0.73 -25.95
N SER A 253 -3.70 0.75 -25.95
CA SER A 253 -3.54 2.10 -25.46
CA SER A 253 -3.58 2.14 -25.57
C SER A 253 -2.20 2.68 -25.94
C SER A 253 -2.24 2.68 -26.01
N ILE A 254 -2.16 4.00 -26.09
CA ILE A 254 -0.90 4.67 -26.30
C ILE A 254 -0.67 5.55 -25.08
N ASN A 255 0.57 5.54 -24.59
CA ASN A 255 0.97 6.33 -23.43
C ASN A 255 1.99 7.36 -23.95
N VAL A 256 1.65 8.64 -23.83
CA VAL A 256 2.45 9.68 -24.48
C VAL A 256 2.73 10.83 -23.52
N HIS A 257 3.77 11.61 -23.81
CA HIS A 257 4.04 12.83 -23.07
C HIS A 257 3.31 14.00 -23.76
N GLY A 258 3.03 15.04 -22.98
CA GLY A 258 2.41 16.23 -23.57
C GLY A 258 1.93 17.19 -22.52
N PHE A 259 1.24 18.23 -22.96
CA PHE A 259 0.78 19.24 -22.03
C PHE A 259 -0.30 20.08 -22.72
N ILE A 260 -1.22 20.62 -21.92
CA ILE A 260 -2.32 21.43 -22.47
C ILE A 260 -2.36 22.75 -21.72
N ALA A 261 -2.46 23.86 -22.46
CA ALA A 261 -2.62 25.17 -21.85
C ALA A 261 -3.64 25.95 -22.66
N ASP A 262 -3.96 27.16 -22.22
N ASP A 262 -4.05 27.14 -22.21
CA ASP A 262 -4.96 27.98 -22.88
CA ASP A 262 -5.07 27.87 -22.99
C ASP A 262 -4.58 28.44 -24.30
C ASP A 262 -4.60 28.26 -24.39
N THR A 263 -3.29 28.40 -24.59
CA THR A 263 -2.75 28.65 -25.94
C THR A 263 -1.61 27.68 -26.24
N THR A 264 -1.41 27.41 -27.53
CA THR A 264 -0.30 26.54 -27.93
C THR A 264 1.08 27.11 -27.55
N ASP A 265 1.25 28.43 -27.73
CA ASP A 265 2.51 29.11 -27.35
C ASP A 265 2.81 28.97 -25.85
N LYS A 266 1.77 29.09 -25.03
N LYS A 266 1.77 29.12 -25.04
CA LYS A 266 1.92 28.97 -23.59
CA LYS A 266 1.88 28.95 -23.59
C LYS A 266 2.23 27.52 -23.17
C LYS A 266 2.30 27.53 -23.26
N ALA A 267 1.60 26.56 -23.84
CA ALA A 267 1.87 25.13 -23.57
C ALA A 267 3.33 24.82 -23.89
N ALA A 268 3.80 25.26 -25.04
CA ALA A 268 5.19 25.07 -25.41
C ALA A 268 6.19 25.71 -24.43
N ASP A 269 5.99 26.98 -24.09
N ASP A 269 5.99 26.99 -24.08
CA ASP A 269 6.93 27.67 -23.21
CA ASP A 269 6.93 27.72 -23.20
C ASP A 269 6.97 27.06 -21.81
C ASP A 269 6.92 27.26 -21.72
N GLN A 270 5.80 26.69 -21.29
CA GLN A 270 5.70 26.14 -19.94
C GLN A 270 6.30 24.74 -19.84
N PHE A 271 6.10 23.93 -20.88
CA PHE A 271 6.50 22.53 -20.84
C PHE A 271 7.98 22.32 -21.20
N TYR A 272 8.54 23.19 -22.05
CA TYR A 272 9.88 22.92 -22.60
C TYR A 272 10.98 22.66 -21.55
N GLY A 273 11.20 23.63 -20.66
CA GLY A 273 12.25 23.55 -19.65
C GLY A 273 12.16 22.32 -18.77
N PRO A 274 11.05 22.20 -18.00
CA PRO A 274 10.87 21.08 -17.07
C PRO A 274 11.04 19.74 -17.76
N GLN A 275 10.48 19.63 -18.96
CA GLN A 275 10.56 18.43 -19.78
C GLN A 275 11.99 18.09 -20.23
N ALA A 276 12.68 19.10 -20.77
CA ALA A 276 14.07 18.97 -21.24
C ALA A 276 15.01 18.45 -20.14
N GLU A 277 14.86 18.97 -18.91
N GLU A 277 14.83 18.99 -18.91
CA GLU A 277 15.75 18.56 -17.81
CA GLU A 277 15.63 18.61 -17.73
C GLU A 277 15.63 17.07 -17.52
C GLU A 277 15.63 17.10 -17.58
N VAL A 278 14.42 16.54 -17.64
CA VAL A 278 14.20 15.11 -17.44
C VAL A 278 14.72 14.26 -18.61
N MSE A 279 14.35 14.60 -19.84
N MSE A 279 14.38 14.63 -19.84
N MSE A 279 14.37 14.65 -19.83
CA MSE A 279 14.83 13.80 -20.98
CA MSE A 279 14.79 13.85 -21.01
CA MSE A 279 14.76 13.88 -21.01
C MSE A 279 16.35 13.83 -21.06
C MSE A 279 16.29 13.93 -21.30
C MSE A 279 16.27 13.93 -21.30
O MSE A 279 16.97 12.78 -21.29
O MSE A 279 16.85 13.03 -21.94
O MSE A 279 16.82 13.01 -21.90
CB MSE A 279 14.20 14.21 -22.33
CB MSE A 279 13.96 14.22 -22.24
CB MSE A 279 13.91 14.27 -22.22
CG MSE A 279 14.80 13.48 -23.57
CG MSE A 279 12.48 13.85 -22.12
CG MSE A 279 12.40 13.92 -22.12
SE MSE A 279 15.32 11.57 -23.39
SE MSE A 279 12.12 11.93 -21.96
SE MSE A 279 11.82 12.35 -21.05
CE MSE A 279 13.54 10.74 -23.33
CE MSE A 279 11.06 12.03 -20.34
CE MSE A 279 10.69 13.28 -19.76
N ASN A 280 16.95 14.99 -20.82
CA ASN A 280 18.42 15.09 -20.86
C ASN A 280 19.07 14.13 -19.85
N ARG A 281 18.49 14.06 -18.65
CA ARG A 281 18.95 13.13 -17.62
C ARG A 281 18.82 11.69 -18.09
N ILE A 282 17.65 11.35 -18.65
CA ILE A 282 17.41 10.05 -19.25
C ILE A 282 18.40 9.72 -20.39
N GLY A 283 18.62 10.67 -21.30
CA GLY A 283 19.58 10.49 -22.38
C GLY A 283 20.98 10.17 -21.89
N ARG A 284 21.41 10.90 -20.84
CA ARG A 284 22.72 10.73 -20.20
C ARG A 284 22.91 9.29 -19.72
N GLU A 285 21.89 8.77 -19.08
CA GLU A 285 21.92 7.42 -18.56
C GLU A 285 21.70 6.33 -19.64
N ARG A 286 21.25 6.72 -20.83
N ARG A 286 21.24 6.74 -20.83
CA ARG A 286 21.01 5.73 -21.89
CA ARG A 286 20.93 5.82 -21.93
C ARG A 286 22.04 5.84 -23.04
C ARG A 286 21.89 5.99 -23.13
N GLY A 287 22.87 6.89 -22.95
CA GLY A 287 23.94 7.10 -23.92
C GLY A 287 23.64 7.98 -25.12
N TRP A 288 22.69 8.92 -24.97
CA TRP A 288 22.48 9.94 -26.02
C TRP A 288 22.53 11.39 -25.54
N GLY A 289 22.77 12.32 -26.47
CA GLY A 289 23.00 13.74 -26.17
C GLY A 289 21.74 14.47 -25.70
N PRO A 290 21.89 15.74 -25.24
CA PRO A 290 20.70 16.47 -24.77
C PRO A 290 19.72 16.83 -25.89
N THR A 291 18.46 17.07 -25.52
CA THR A 291 17.46 17.57 -26.47
C THR A 291 17.69 19.09 -26.75
N ASN A 292 16.98 19.62 -27.74
CA ASN A 292 16.92 21.07 -27.93
C ASN A 292 15.52 21.54 -28.35
N ARG A 293 15.36 22.84 -28.57
CA ARG A 293 14.05 23.39 -28.85
C ARG A 293 13.60 22.97 -30.26
N ALA A 294 14.55 22.85 -31.19
CA ALA A 294 14.23 22.38 -32.53
C ALA A 294 13.66 20.96 -32.52
N HIS A 295 14.31 20.06 -31.76
N HIS A 295 14.32 20.08 -31.76
CA HIS A 295 13.82 18.70 -31.54
CA HIS A 295 13.84 18.71 -31.57
C HIS A 295 12.42 18.75 -30.93
C HIS A 295 12.45 18.71 -30.88
N PHE A 296 12.28 19.61 -29.91
CA PHE A 296 11.00 19.80 -29.20
C PHE A 296 9.93 20.35 -30.15
N ASP A 297 10.27 21.34 -30.96
CA ASP A 297 9.29 21.89 -31.89
C ASP A 297 8.86 20.85 -32.93
N ALA A 298 9.80 20.03 -33.36
CA ALA A 298 9.51 18.88 -34.22
C ALA A 298 8.59 17.86 -33.52
N ALA A 299 8.89 17.57 -32.25
CA ALA A 299 8.11 16.60 -31.48
C ALA A 299 6.64 17.02 -31.28
N ARG A 300 6.41 18.32 -31.14
CA ARG A 300 5.06 18.83 -30.91
C ARG A 300 4.29 19.11 -32.18
N GLY A 301 4.97 19.03 -33.34
CA GLY A 301 4.32 19.10 -34.65
C GLY A 301 3.32 17.95 -34.83
N PRO A 302 2.50 18.01 -35.89
CA PRO A 302 1.35 17.08 -36.00
C PRO A 302 1.72 15.59 -36.03
N GLU A 303 2.90 15.25 -36.56
CA GLU A 303 3.36 13.86 -36.62
C GLU A 303 4.28 13.44 -35.47
N GLY A 304 4.68 14.40 -34.62
CA GLY A 304 5.65 14.14 -33.55
C GLY A 304 5.02 13.44 -32.35
N ASN A 305 5.87 12.96 -31.44
CA ASN A 305 5.41 12.16 -30.29
C ASN A 305 4.68 12.97 -29.19
N LEU A 306 4.89 14.30 -29.14
CA LEU A 306 4.38 15.14 -28.03
C LEU A 306 2.98 15.65 -28.30
N PHE A 307 2.06 15.38 -27.37
CA PHE A 307 0.68 15.77 -27.55
C PHE A 307 0.50 17.08 -26.79
N LEU A 308 0.77 18.19 -27.48
CA LEU A 308 0.97 19.46 -26.78
C LEU A 308 0.35 20.66 -27.51
N GLY A 309 -0.31 21.52 -26.73
CA GLY A 309 -0.84 22.77 -27.29
C GLY A 309 -2.13 23.18 -26.62
N GLU A 310 -2.87 24.08 -27.28
CA GLU A 310 -4.22 24.44 -26.84
C GLU A 310 -5.15 23.20 -26.98
N PRO A 311 -6.28 23.19 -26.24
CA PRO A 311 -7.15 21.99 -26.24
C PRO A 311 -7.55 21.48 -27.64
N GLU A 312 -7.90 22.40 -28.53
N GLU A 312 -7.91 22.39 -28.52
CA GLU A 312 -8.29 22.06 -29.90
CA GLU A 312 -8.29 22.04 -29.90
C GLU A 312 -7.22 21.27 -30.66
C GLU A 312 -7.21 21.24 -30.61
N LEU A 313 -5.97 21.69 -30.52
CA LEU A 313 -4.86 21.06 -31.24
C LEU A 313 -4.61 19.65 -30.70
N VAL A 314 -4.57 19.53 -29.37
CA VAL A 314 -4.32 18.25 -28.71
C VAL A 314 -5.46 17.27 -29.05
N ALA A 315 -6.72 17.75 -28.98
CA ALA A 315 -7.87 16.92 -29.34
C ALA A 315 -7.71 16.40 -30.78
N GLU A 316 -7.33 17.29 -31.69
N GLU A 316 -7.35 17.30 -31.70
CA GLU A 316 -7.17 16.93 -33.10
CA GLU A 316 -7.17 16.91 -33.11
C GLU A 316 -6.13 15.81 -33.31
C GLU A 316 -6.16 15.76 -33.26
N LYS A 317 -5.01 15.89 -32.59
CA LYS A 317 -3.96 14.90 -32.65
C LYS A 317 -4.39 13.54 -32.05
N ILE A 318 -5.15 13.56 -30.93
CA ILE A 318 -5.68 12.33 -30.35
C ILE A 318 -6.61 11.59 -31.34
N ILE A 319 -7.47 12.36 -32.01
CA ILE A 319 -8.36 11.82 -33.04
C ILE A 319 -7.58 11.25 -34.25
N LYS A 320 -6.56 11.98 -34.70
CA LYS A 320 -5.72 11.55 -35.82
C LYS A 320 -4.97 10.27 -35.46
N ALA A 321 -4.40 10.23 -34.24
CA ALA A 321 -3.69 9.08 -33.75
C ALA A 321 -4.59 7.85 -33.70
N HIS A 322 -5.85 8.06 -33.34
CA HIS A 322 -6.84 6.99 -33.33
C HIS A 322 -7.10 6.45 -34.76
N GLY A 323 -7.11 7.35 -35.73
CA GLY A 323 -7.24 6.94 -37.14
C GLY A 323 -6.16 5.95 -37.53
N VAL A 324 -4.98 6.11 -36.93
CA VAL A 324 -3.79 5.31 -37.21
C VAL A 324 -3.76 4.01 -36.38
N PHE A 325 -4.03 4.13 -35.08
CA PHE A 325 -3.88 3.03 -34.12
C PHE A 325 -5.14 2.24 -33.83
N LYS A 326 -6.29 2.89 -33.98
CA LYS A 326 -7.58 2.37 -33.47
C LYS A 326 -7.48 1.95 -31.99
N ASN A 327 -6.74 2.76 -31.22
CA ASN A 327 -6.55 2.55 -29.76
C ASN A 327 -7.84 2.82 -28.97
N ASP A 328 -8.04 2.04 -27.92
CA ASP A 328 -9.19 2.13 -27.03
C ASP A 328 -8.95 3.11 -25.87
N ARG A 329 -7.68 3.41 -25.61
CA ARG A 329 -7.30 4.20 -24.44
C ARG A 329 -6.10 5.09 -24.81
N PHE A 330 -6.04 6.25 -24.18
CA PHE A 330 -4.99 7.24 -24.41
C PHE A 330 -4.61 7.79 -23.03
N LEU A 331 -3.33 7.65 -22.68
CA LEU A 331 -2.81 8.14 -21.38
C LEU A 331 -1.76 9.19 -21.62
N LEU A 332 -1.90 10.31 -20.92
CA LEU A 332 -1.07 11.48 -21.17
C LEU A 332 -0.24 11.74 -19.91
N GLN A 333 1.06 11.95 -20.09
CA GLN A 333 1.95 12.29 -19.00
C GLN A 333 2.38 13.76 -19.12
N MSE A 334 1.81 14.60 -18.26
N MSE A 334 1.84 14.61 -18.25
CA MSE A 334 2.11 16.04 -18.22
CA MSE A 334 2.18 16.04 -18.25
C MSE A 334 3.02 16.37 -17.05
C MSE A 334 2.98 16.45 -17.02
O MSE A 334 3.89 17.24 -17.18
O MSE A 334 3.73 17.42 -17.06
CB MSE A 334 0.82 16.87 -18.08
CB MSE A 334 0.92 16.91 -18.32
CG MSE A 334 -0.28 16.55 -19.07
CG MSE A 334 -0.06 16.69 -17.17
SE MSE A 334 -1.65 17.94 -19.08
SE MSE A 334 -1.54 17.97 -17.28
CE MSE A 334 -3.08 17.09 -18.10
CE MSE A 334 -2.37 17.29 -18.91
N ALA A 335 2.79 15.73 -15.91
CA ALA A 335 3.51 16.07 -14.67
C ALA A 335 4.87 15.39 -14.70
N ILE A 336 5.85 16.09 -15.30
N ILE A 336 5.84 16.10 -15.24
CA ILE A 336 7.22 15.57 -15.57
CA ILE A 336 7.17 15.57 -15.33
C ILE A 336 8.25 16.59 -15.04
C ILE A 336 8.08 16.59 -14.71
N GLY A 337 9.22 16.11 -14.25
CA GLY A 337 10.22 16.98 -13.63
C GLY A 337 9.62 17.97 -12.67
N LEU A 338 10.09 19.22 -12.75
CA LEU A 338 9.60 20.23 -11.83
C LEU A 338 8.53 21.16 -12.43
N MSE A 339 7.68 20.61 -13.31
CA MSE A 339 6.48 21.33 -13.76
C MSE A 339 5.75 21.90 -12.53
O MSE A 339 5.47 21.13 -11.60
CB MSE A 339 5.52 20.39 -14.52
CG MSE A 339 5.91 20.15 -15.95
SE MSE A 339 5.88 21.82 -16.98
CE MSE A 339 3.96 22.19 -16.90
N PRO A 340 5.48 23.21 -12.51
CA PRO A 340 4.72 23.85 -11.43
C PRO A 340 3.36 23.19 -11.24
N HIS A 341 3.03 22.91 -9.98
CA HIS A 341 1.73 22.31 -9.64
C HIS A 341 0.54 23.10 -10.25
N ASP A 342 0.57 24.42 -10.16
CA ASP A 342 -0.57 25.22 -10.66
C ASP A 342 -0.78 24.99 -12.17
N GLN A 343 0.32 24.87 -12.89
CA GLN A 343 0.26 24.65 -14.35
C GLN A 343 -0.29 23.26 -14.68
N ILE A 344 0.14 22.25 -13.91
CA ILE A 344 -0.38 20.91 -14.06
C ILE A 344 -1.88 20.86 -13.77
N MSE A 345 -2.31 21.51 -12.67
CA MSE A 345 -3.74 21.56 -12.32
C MSE A 345 -4.57 22.20 -13.43
O MSE A 345 -5.59 21.64 -13.84
CB MSE A 345 -3.93 22.29 -10.98
CG MSE A 345 -3.28 21.47 -9.80
SE MSE A 345 -4.25 19.82 -9.40
CE MSE A 345 -5.70 20.62 -8.34
N ARG A 346 -4.12 23.34 -13.96
CA ARG A 346 -4.82 23.96 -15.10
C ARG A 346 -4.85 22.99 -16.32
N GLY A 347 -3.75 22.28 -16.56
CA GLY A 347 -3.68 21.35 -17.69
C GLY A 347 -4.65 20.20 -17.50
N ILE A 348 -4.78 19.70 -16.28
CA ILE A 348 -5.71 18.60 -16.01
C ILE A 348 -7.14 19.11 -16.25
N GLU A 349 -7.44 20.30 -15.75
CA GLU A 349 -8.74 20.92 -16.00
C GLU A 349 -9.07 20.98 -17.51
N LEU A 350 -8.17 21.56 -18.30
CA LEU A 350 -8.38 21.73 -19.73
C LEU A 350 -8.52 20.38 -20.43
N TYR A 351 -7.75 19.39 -19.95
CA TYR A 351 -7.82 18.04 -20.51
C TYR A 351 -9.23 17.47 -20.29
N GLY A 352 -9.74 17.57 -19.06
CA GLY A 352 -11.08 17.02 -18.76
C GLY A 352 -12.26 17.79 -19.32
N THR A 353 -12.18 19.11 -19.33
CA THR A 353 -13.33 19.94 -19.68
C THR A 353 -13.35 20.45 -21.14
N LYS A 354 -12.20 20.39 -21.82
CA LYS A 354 -12.11 20.90 -23.19
C LYS A 354 -11.65 19.85 -24.19
N VAL A 355 -10.54 19.18 -23.89
CA VAL A 355 -9.97 18.16 -24.79
C VAL A 355 -10.92 16.96 -24.87
N ALA A 356 -11.28 16.41 -23.71
CA ALA A 356 -12.06 15.16 -23.64
C ALA A 356 -13.43 15.18 -24.36
N PRO A 357 -14.25 16.24 -24.15
CA PRO A 357 -15.52 16.35 -24.85
C PRO A 357 -15.39 16.41 -26.39
N LEU A 358 -14.32 17.05 -26.87
CA LEU A 358 -14.06 17.12 -28.32
C LEU A 358 -13.74 15.72 -28.86
N VAL A 359 -12.81 15.03 -28.20
CA VAL A 359 -12.48 13.66 -28.56
C VAL A 359 -13.74 12.75 -28.48
N ARG A 360 -14.41 12.74 -27.33
CA ARG A 360 -15.59 11.87 -27.11
C ARG A 360 -16.73 12.05 -28.10
N LYS A 361 -16.96 13.29 -28.57
CA LYS A 361 -18.05 13.53 -29.48
C LYS A 361 -17.72 13.03 -30.89
N GLU A 362 -16.44 13.13 -31.26
CA GLU A 362 -16.01 12.70 -32.59
C GLU A 362 -15.97 11.18 -32.68
N LEU A 363 -15.52 10.52 -31.61
CA LEU A 363 -15.39 9.06 -31.59
C LEU A 363 -16.58 8.36 -30.89
N THR A 364 -17.80 8.73 -31.30
CA THR A 364 -19.04 8.12 -30.80
C THR A 364 -20.12 8.20 -31.88
N GLY B 21 3.33 10.25 29.05
CA GLY B 21 1.91 9.89 29.24
C GLY B 21 1.61 8.46 28.80
N MSE B 22 0.33 8.15 28.72
CA MSE B 22 -0.14 6.87 28.28
C MSE B 22 -0.75 7.08 26.89
O MSE B 22 -1.58 7.97 26.72
CB MSE B 22 -1.23 6.40 29.26
CG MSE B 22 -2.06 5.24 28.75
SE MSE B 22 -0.99 3.63 28.62
CE MSE B 22 -0.94 3.10 30.49
N GLU B 23 -0.33 6.29 25.91
CA GLU B 23 -0.97 6.35 24.62
C GLU B 23 -2.07 5.30 24.57
N LEU B 24 -3.28 5.68 24.15
N LEU B 24 -3.26 5.69 24.16
CA LEU B 24 -4.36 4.68 24.10
CA LEU B 24 -4.37 4.72 24.08
C LEU B 24 -4.86 4.49 22.67
C LEU B 24 -4.71 4.50 22.61
N GLY B 25 -4.91 3.24 22.24
CA GLY B 25 -5.27 2.97 20.88
C GLY B 25 -6.09 1.72 20.68
N LEU B 26 -6.30 1.41 19.40
CA LEU B 26 -7.12 0.29 18.96
C LEU B 26 -6.29 -0.51 17.95
N TYR B 27 -6.58 -1.81 17.86
CA TYR B 27 -6.08 -2.60 16.71
C TYR B 27 -7.13 -3.61 16.26
N THR B 28 -7.06 -4.05 15.01
CA THR B 28 -8.02 -5.06 14.51
C THR B 28 -7.34 -5.82 13.39
N PHE B 29 -7.92 -6.98 13.09
CA PHE B 29 -7.52 -7.82 11.98
C PHE B 29 -8.48 -7.70 10.80
N ALA B 30 -9.59 -6.95 11.03
CA ALA B 30 -10.59 -6.70 10.00
C ALA B 30 -11.17 -8.04 9.52
N ASP B 31 -11.76 -8.77 10.47
CA ASP B 31 -12.50 -10.02 10.24
C ASP B 31 -13.67 -9.78 9.29
N VAL B 32 -13.92 -10.76 8.44
CA VAL B 32 -15.10 -10.82 7.60
C VAL B 32 -15.83 -12.17 7.77
N ASN B 33 -17.07 -12.18 7.31
CA ASN B 33 -17.80 -13.42 7.19
C ASN B 33 -17.16 -14.29 6.12
N PRO B 34 -16.68 -15.49 6.51
CA PRO B 34 -16.03 -16.37 5.54
C PRO B 34 -17.08 -17.00 4.61
N ASN B 35 -18.37 -16.85 4.95
CA ASN B 35 -19.49 -17.42 4.14
C ASN B 35 -20.50 -16.30 3.79
N PRO B 36 -20.04 -15.27 3.04
CA PRO B 36 -20.93 -14.12 2.81
C PRO B 36 -22.00 -14.44 1.77
N ALA B 37 -23.20 -13.92 2.01
CA ALA B 37 -24.35 -14.22 1.16
C ALA B 37 -24.17 -13.72 -0.27
N ASP B 38 -23.50 -12.58 -0.44
CA ASP B 38 -23.37 -11.96 -1.76
C ASP B 38 -21.93 -11.91 -2.31
N GLY B 39 -21.08 -12.80 -1.81
CA GLY B 39 -19.75 -13.02 -2.38
C GLY B 39 -18.65 -12.34 -1.58
N ARG B 40 -17.43 -12.84 -1.73
CA ARG B 40 -16.27 -12.32 -1.00
C ARG B 40 -15.91 -10.88 -1.36
N GLY B 41 -16.12 -10.50 -2.61
CA GLY B 41 -15.76 -9.14 -3.05
C GLY B 41 -16.60 -8.10 -2.31
N PRO B 42 -17.94 -8.16 -2.46
CA PRO B 42 -18.80 -7.19 -1.74
C PRO B 42 -18.63 -7.23 -0.22
N GLU B 43 -18.46 -8.42 0.37
CA GLU B 43 -18.16 -8.51 1.81
C GLU B 43 -16.86 -7.76 2.18
N GLY B 44 -15.79 -7.95 1.40
CA GLY B 44 -14.49 -7.26 1.66
C GLY B 44 -14.59 -5.74 1.50
N ALA B 45 -15.32 -5.30 0.47
CA ALA B 45 -15.54 -3.87 0.16
C ALA B 45 -16.28 -3.23 1.35
N ARG B 46 -17.35 -3.86 1.82
N ARG B 46 -17.36 -3.88 1.78
CA ARG B 46 -18.08 -3.33 2.96
CA ARG B 46 -18.14 -3.49 2.94
C ARG B 46 -17.22 -3.33 4.22
C ARG B 46 -17.23 -3.35 4.16
N ARG B 47 -16.47 -4.40 4.45
CA ARG B 47 -15.61 -4.43 5.65
C ARG B 47 -14.60 -3.28 5.65
N LEU B 48 -14.01 -2.99 4.49
CA LEU B 48 -12.99 -1.93 4.45
C LEU B 48 -13.63 -0.53 4.59
N ARG B 49 -14.82 -0.35 4.02
N ARG B 49 -14.82 -0.37 4.02
CA ARG B 49 -15.55 0.91 4.23
CA ARG B 49 -15.60 0.84 4.19
C ARG B 49 -15.81 1.10 5.75
C ARG B 49 -15.87 1.09 5.69
N GLU B 50 -16.31 0.04 6.39
CA GLU B 50 -16.54 0.08 7.84
C GLU B 50 -15.25 0.34 8.64
N LEU B 51 -14.16 -0.32 8.23
CA LEU B 51 -12.88 -0.14 8.91
C LEU B 51 -12.41 1.32 8.84
N LEU B 52 -12.51 1.92 7.65
N LEU B 52 -12.53 1.93 7.67
CA LEU B 52 -12.13 3.31 7.48
CA LEU B 52 -12.15 3.32 7.48
C LEU B 52 -12.96 4.17 8.42
C LEU B 52 -12.99 4.25 8.34
N GLU B 53 -14.27 3.91 8.50
CA GLU B 53 -15.14 4.65 9.43
C GLU B 53 -14.65 4.51 10.89
N GLU B 54 -14.23 3.30 11.28
CA GLU B 54 -13.66 3.06 12.62
C GLU B 54 -12.45 3.97 12.83
N ILE B 55 -11.53 3.96 11.86
CA ILE B 55 -10.25 4.70 12.02
C ILE B 55 -10.52 6.20 12.07
N GLU B 56 -11.40 6.68 11.19
N GLU B 56 -11.42 6.64 11.18
CA GLU B 56 -11.72 8.10 11.18
CA GLU B 56 -11.84 8.04 11.09
C GLU B 56 -12.37 8.54 12.50
C GLU B 56 -12.39 8.53 12.45
N LEU B 57 -13.26 7.72 13.04
CA LEU B 57 -13.88 8.04 14.31
C LEU B 57 -12.84 8.08 15.42
N ALA B 58 -11.97 7.06 15.47
CA ALA B 58 -10.90 6.99 16.46
C ALA B 58 -10.04 8.24 16.42
N ASP B 59 -9.71 8.69 15.21
CA ASP B 59 -8.98 9.95 15.02
C ASP B 59 -9.75 11.14 15.61
N GLN B 60 -11.01 11.24 15.23
CA GLN B 60 -11.90 12.34 15.65
C GLN B 60 -12.08 12.43 17.16
N VAL B 61 -12.16 11.29 17.83
CA VAL B 61 -12.38 11.30 19.27
C VAL B 61 -11.07 11.33 20.05
N GLY B 62 -9.95 11.44 19.35
CA GLY B 62 -8.67 11.70 20.00
C GLY B 62 -7.90 10.50 20.51
N LEU B 63 -8.19 9.30 19.99
CA LEU B 63 -7.37 8.12 20.29
C LEU B 63 -6.01 8.25 19.59
N ASP B 64 -5.00 7.63 20.20
CA ASP B 64 -3.60 7.93 19.85
C ASP B 64 -3.03 7.07 18.76
N VAL B 65 -3.51 5.82 18.65
CA VAL B 65 -2.91 4.85 17.73
C VAL B 65 -4.00 3.95 17.19
N PHE B 66 -3.88 3.58 15.91
CA PHE B 66 -4.71 2.53 15.35
C PHE B 66 -3.82 1.55 14.58
N GLY B 67 -3.98 0.26 14.92
CA GLY B 67 -3.21 -0.83 14.27
C GLY B 67 -4.03 -1.78 13.42
N LEU B 68 -3.44 -2.27 12.32
CA LEU B 68 -4.11 -3.27 11.47
C LEU B 68 -3.14 -4.45 11.29
N GLY B 69 -3.66 -5.65 11.55
CA GLY B 69 -2.82 -6.86 11.46
C GLY B 69 -2.90 -7.53 10.11
N GLU B 70 -1.80 -8.22 9.76
CA GLU B 70 -1.71 -8.94 8.49
C GLU B 70 -2.15 -10.39 8.67
N HIS B 71 -3.09 -10.84 7.87
CA HIS B 71 -3.52 -12.25 7.80
C HIS B 71 -3.73 -12.73 6.37
N HIS B 72 -3.70 -14.06 6.15
CA HIS B 72 -3.80 -14.67 4.83
C HIS B 72 -4.84 -15.80 4.86
N ARG B 73 -6.09 -15.42 5.03
CA ARG B 73 -7.17 -16.38 5.24
C ARG B 73 -8.49 -15.79 4.77
N PRO B 74 -9.45 -16.64 4.37
CA PRO B 74 -10.68 -16.08 3.84
C PRO B 74 -11.45 -15.25 4.86
N ASP B 75 -11.20 -15.42 6.16
CA ASP B 75 -11.98 -14.67 7.12
C ASP B 75 -11.34 -13.35 7.58
N TYR B 76 -10.32 -12.87 6.85
CA TYR B 76 -9.70 -11.56 7.17
C TYR B 76 -9.46 -10.82 5.86
N VAL B 77 -9.77 -9.54 5.84
CA VAL B 77 -9.64 -8.79 4.59
C VAL B 77 -8.26 -8.08 4.48
N VAL B 78 -7.51 -7.99 5.56
CA VAL B 78 -6.23 -7.24 5.55
C VAL B 78 -5.04 -8.19 5.47
N SER B 79 -4.60 -8.48 4.25
CA SER B 79 -3.34 -9.17 4.04
C SER B 79 -2.24 -8.15 3.75
N SER B 80 -2.64 -6.88 3.55
CA SER B 80 -1.65 -5.82 3.28
C SER B 80 -1.99 -4.58 4.11
N PRO B 81 -1.56 -4.58 5.38
CA PRO B 81 -1.90 -3.45 6.29
C PRO B 81 -1.43 -2.09 5.75
N SER B 82 -0.21 -2.01 5.19
CA SER B 82 0.27 -0.71 4.68
C SER B 82 -0.68 -0.12 3.61
N THR B 83 -1.25 -0.98 2.76
CA THR B 83 -2.14 -0.50 1.69
C THR B 83 -3.39 0.18 2.32
N VAL B 84 -3.99 -0.50 3.30
CA VAL B 84 -5.12 0.08 4.00
C VAL B 84 -4.75 1.35 4.83
N LEU B 85 -3.58 1.35 5.46
CA LEU B 85 -3.12 2.49 6.30
C LEU B 85 -2.92 3.71 5.42
N ALA B 86 -2.51 3.49 4.17
CA ALA B 86 -2.41 4.62 3.19
C ALA B 86 -3.73 5.35 3.04
N ALA B 87 -4.81 4.56 2.91
CA ALA B 87 -6.15 5.16 2.81
C ALA B 87 -6.51 5.89 4.13
N ALA B 88 -6.22 5.24 5.25
CA ALA B 88 -6.48 5.85 6.57
C ALA B 88 -5.71 7.18 6.68
N ALA B 89 -4.47 7.21 6.13
CA ALA B 89 -3.60 8.38 6.29
C ALA B 89 -4.29 9.64 5.75
N VAL B 90 -4.98 9.51 4.60
CA VAL B 90 -5.56 10.71 3.95
C VAL B 90 -6.98 11.04 4.45
N LYS B 91 -7.46 10.23 5.39
N LYS B 91 -7.46 10.22 5.38
CA LYS B 91 -8.76 10.46 6.01
CA LYS B 91 -8.77 10.43 6.01
C LYS B 91 -8.66 10.79 7.50
C LYS B 91 -8.66 10.93 7.46
N THR B 92 -7.44 11.05 7.97
CA THR B 92 -7.22 11.33 9.39
C THR B 92 -6.17 12.43 9.54
N LYS B 93 -6.10 12.94 10.77
N LYS B 93 -6.07 13.08 10.70
CA LYS B 93 -5.25 14.07 11.15
CA LYS B 93 -5.07 14.18 10.83
C LYS B 93 -4.19 13.70 12.19
C LYS B 93 -4.07 13.98 11.98
N ASN B 94 -4.60 13.10 13.32
N ASN B 94 -4.44 13.12 12.94
CA ASN B 94 -3.74 13.00 14.51
CA ASN B 94 -3.70 13.00 14.21
C ASN B 94 -3.32 11.61 14.91
C ASN B 94 -3.24 11.58 14.60
N ILE B 95 -4.17 10.64 14.60
CA ILE B 95 -3.91 9.28 15.05
C ILE B 95 -2.68 8.64 14.39
N ARG B 96 -1.88 7.94 15.17
CA ARG B 96 -0.77 7.22 14.59
C ARG B 96 -1.25 5.93 13.95
N LEU B 97 -0.55 5.52 12.91
CA LEU B 97 -1.05 4.43 12.04
C LEU B 97 0.00 3.32 11.97
N THR B 98 -0.34 2.14 12.47
CA THR B 98 0.70 1.08 12.60
C THR B 98 0.18 -0.25 12.05
N SER B 99 1.09 -1.08 11.57
CA SER B 99 0.73 -2.52 11.47
C SER B 99 0.65 -3.12 12.90
N ALA B 100 -0.05 -4.24 13.05
CA ALA B 100 -0.22 -4.90 14.36
C ALA B 100 -0.71 -6.34 14.12
N VAL B 101 0.08 -7.17 13.42
CA VAL B 101 1.52 -6.95 13.14
C VAL B 101 1.79 -7.13 11.65
N SER B 102 2.95 -6.66 11.25
CA SER B 102 3.58 -7.00 9.96
C SER B 102 4.29 -8.34 10.22
N VAL B 103 3.97 -9.39 9.47
CA VAL B 103 4.68 -10.69 9.62
C VAL B 103 5.97 -10.54 8.80
N LEU B 104 6.93 -9.87 9.41
CA LEU B 104 8.12 -9.44 8.68
C LEU B 104 8.92 -10.62 8.09
N SER B 105 8.98 -11.73 8.83
N SER B 105 8.98 -11.73 8.83
CA SER B 105 9.79 -12.90 8.40
CA SER B 105 9.81 -12.89 8.42
C SER B 105 9.46 -13.36 6.99
C SER B 105 9.43 -13.48 7.04
N SER B 106 8.20 -13.22 6.59
CA SER B 106 7.74 -13.72 5.28
C SER B 106 7.62 -12.62 4.24
N ASP B 107 8.15 -11.43 4.53
CA ASP B 107 8.00 -10.30 3.60
C ASP B 107 9.39 -9.81 3.20
N ASP B 108 9.44 -8.86 2.27
CA ASP B 108 10.71 -8.26 1.88
C ASP B 108 10.85 -6.95 2.66
N PRO B 109 11.85 -6.83 3.57
CA PRO B 109 11.98 -5.60 4.36
C PRO B 109 12.14 -4.32 3.50
N VAL B 110 12.75 -4.43 2.32
CA VAL B 110 12.81 -3.27 1.42
C VAL B 110 11.39 -2.79 1.06
N ARG B 111 10.54 -3.72 0.62
CA ARG B 111 9.14 -3.35 0.30
C ARG B 111 8.39 -2.81 1.51
N VAL B 112 8.55 -3.48 2.66
CA VAL B 112 7.86 -3.05 3.87
C VAL B 112 8.30 -1.61 4.18
N PHE B 113 9.60 -1.36 4.15
CA PHE B 113 10.08 -0.02 4.44
C PHE B 113 9.51 1.00 3.46
N GLN B 114 9.50 0.67 2.18
CA GLN B 114 8.99 1.59 1.15
C GLN B 114 7.49 1.86 1.33
N GLN B 115 6.74 0.82 1.63
CA GLN B 115 5.31 0.97 1.84
C GLN B 115 4.99 1.84 3.07
N PHE B 116 5.65 1.57 4.20
CA PHE B 116 5.38 2.36 5.41
C PHE B 116 5.99 3.78 5.32
N SER B 117 7.11 3.95 4.59
N SER B 117 7.10 3.94 4.58
CA SER B 117 7.67 5.28 4.32
CA SER B 117 7.63 5.29 4.34
C SER B 117 6.64 6.09 3.49
C SER B 117 6.60 6.08 3.51
N THR B 118 5.97 5.42 2.56
CA THR B 118 4.93 6.09 1.75
C THR B 118 3.75 6.51 2.65
N VAL B 119 3.34 5.62 3.56
CA VAL B 119 2.25 5.95 4.50
C VAL B 119 2.71 7.12 5.37
N ASP B 120 3.98 7.08 5.78
CA ASP B 120 4.54 8.18 6.57
C ASP B 120 4.42 9.53 5.84
N LEU B 121 4.75 9.54 4.56
CA LEU B 121 4.63 10.76 3.77
C LEU B 121 3.18 11.21 3.61
N LEU B 122 2.29 10.26 3.30
CA LEU B 122 0.86 10.56 3.13
C LEU B 122 0.22 11.09 4.42
N SER B 123 0.73 10.62 5.56
CA SER B 123 0.19 10.96 6.91
C SER B 123 0.94 12.10 7.64
N ASN B 124 1.92 12.67 6.95
N ASN B 124 1.90 12.75 6.99
CA ASN B 124 2.75 13.72 7.53
CA ASN B 124 2.66 13.79 7.67
C ASN B 124 3.44 13.30 8.84
C ASN B 124 3.31 13.23 8.97
N GLY B 125 3.98 12.08 8.86
CA GLY B 125 4.87 11.62 9.95
C GLY B 125 4.21 10.77 11.02
N ARG B 126 3.15 10.03 10.64
CA ARG B 126 2.34 9.28 11.64
C ARG B 126 2.43 7.73 11.53
N ALA B 127 3.31 7.21 10.65
CA ALA B 127 3.41 5.75 10.43
C ALA B 127 4.34 5.05 11.43
N GLU B 128 4.02 3.77 11.68
CA GLU B 128 4.87 2.88 12.47
C GLU B 128 4.71 1.45 11.95
N ILE B 129 5.72 0.65 12.24
CA ILE B 129 5.69 -0.78 11.91
C ILE B 129 5.75 -1.55 13.24
N MSE B 130 4.85 -2.53 13.41
CA MSE B 130 5.00 -3.47 14.53
C MSE B 130 5.24 -4.84 13.94
O MSE B 130 4.35 -5.41 13.28
CB MSE B 130 3.77 -3.45 15.45
CG MSE B 130 3.92 -4.42 16.60
SE MSE B 130 2.17 -4.68 17.53
CE MSE B 130 1.45 -2.87 17.51
N ALA B 131 6.46 -5.32 14.09
CA ALA B 131 6.86 -6.58 13.46
C ALA B 131 6.69 -7.73 14.46
N GLY B 132 6.14 -8.83 13.98
CA GLY B 132 6.04 -10.00 14.85
C GLY B 132 5.71 -11.27 14.10
N ARG B 133 5.57 -12.32 14.89
CA ARG B 133 5.30 -13.67 14.38
C ARG B 133 3.91 -13.79 13.74
N GLY B 134 2.92 -13.11 14.34
CA GLY B 134 1.51 -13.21 13.92
C GLY B 134 1.18 -14.66 13.58
N SER B 135 0.52 -14.90 12.46
N SER B 135 0.51 -14.82 12.45
CA SER B 135 0.16 -16.28 12.13
CA SER B 135 0.13 -16.11 11.90
C SER B 135 1.08 -16.91 11.07
C SER B 135 1.12 -16.53 10.80
N PHE B 136 2.35 -16.51 11.11
N PHE B 136 2.39 -16.55 11.15
CA PHE B 136 3.38 -17.08 10.24
CA PHE B 136 3.43 -17.07 10.27
C PHE B 136 3.10 -18.57 9.93
C PHE B 136 3.20 -18.57 9.96
N ILE B 137 2.81 -19.32 10.98
CA ILE B 137 2.77 -20.79 10.89
C ILE B 137 1.73 -21.21 9.87
N GLU B 138 0.66 -20.44 9.81
CA GLU B 138 -0.42 -20.71 8.87
C GLU B 138 -0.11 -20.20 7.48
N SER B 139 0.66 -19.10 7.38
N SER B 139 0.55 -19.05 7.41
CA SER B 139 0.90 -18.36 6.13
CA SER B 139 0.78 -18.34 6.15
C SER B 139 2.30 -18.45 5.41
C SER B 139 1.99 -18.77 5.33
N TYR B 140 3.27 -19.10 6.06
N TYR B 140 3.12 -19.04 6.02
CA TYR B 140 4.57 -19.34 5.45
CA TYR B 140 4.44 -19.23 5.39
C TYR B 140 4.53 -20.12 4.11
C TYR B 140 4.50 -20.08 4.10
N PRO B 141 3.62 -21.10 3.98
CA PRO B 141 3.55 -21.84 2.70
C PRO B 141 3.24 -20.94 1.50
N LEU B 142 2.55 -19.84 1.72
CA LEU B 142 2.22 -18.94 0.61
C LEU B 142 3.45 -18.25 0.05
N PHE B 143 4.46 -18.05 0.91
CA PHE B 143 5.66 -17.30 0.54
C PHE B 143 6.91 -18.18 0.37
N GLY B 144 6.72 -19.48 0.44
CA GLY B 144 7.76 -20.43 0.08
C GLY B 144 8.79 -20.72 1.15
N TYR B 145 8.47 -20.39 2.40
CA TYR B 145 9.43 -20.58 3.52
C TYR B 145 9.29 -21.95 4.20
N ASP B 146 10.27 -22.32 5.01
N ASP B 146 10.26 -22.29 5.05
CA ASP B 146 10.12 -23.50 5.86
CA ASP B 146 10.17 -23.46 5.90
C ASP B 146 9.92 -22.99 7.29
C ASP B 146 9.95 -22.99 7.33
N LEU B 147 9.04 -23.64 8.05
CA LEU B 147 8.70 -23.20 9.42
C LEU B 147 9.95 -23.02 10.32
N GLU B 148 10.90 -23.95 10.17
N GLU B 148 10.91 -23.93 10.18
CA GLU B 148 12.12 -23.98 10.97
CA GLU B 148 12.08 -23.92 11.06
C GLU B 148 12.94 -22.71 10.82
C GLU B 148 13.11 -22.84 10.70
N ASP B 149 12.80 -22.05 9.68
CA ASP B 149 13.63 -20.91 9.36
C ASP B 149 13.14 -19.60 9.98
N TYR B 150 12.06 -19.65 10.76
CA TYR B 150 11.47 -18.44 11.33
C TYR B 150 12.52 -17.51 12.03
N ASP B 151 13.29 -18.09 12.95
CA ASP B 151 14.18 -17.28 13.79
C ASP B 151 15.23 -16.51 12.96
N VAL B 152 15.87 -17.19 12.01
CA VAL B 152 16.89 -16.54 11.17
C VAL B 152 16.23 -15.56 10.21
N LEU B 153 15.06 -15.93 9.68
CA LEU B 153 14.32 -14.99 8.80
C LEU B 153 13.98 -13.71 9.54
N PHE B 154 13.51 -13.85 10.78
CA PHE B 154 13.12 -12.68 11.54
C PHE B 154 14.33 -11.85 11.91
N ALA B 155 15.39 -12.52 12.38
CA ALA B 155 16.59 -11.81 12.79
C ALA B 155 17.20 -11.02 11.63
N GLU B 156 17.36 -11.66 10.49
CA GLU B 156 18.04 -11.02 9.35
C GLU B 156 17.16 -9.90 8.80
N LYS B 157 15.86 -10.16 8.69
CA LYS B 157 14.98 -9.17 8.06
C LYS B 157 14.75 -7.95 8.94
N LEU B 158 14.71 -8.20 10.24
CA LEU B 158 14.64 -7.11 11.20
C LEU B 158 15.95 -6.33 11.08
N ASP B 159 17.13 -7.05 11.04
CA ASP B 159 18.41 -6.37 10.90
C ASP B 159 18.41 -5.49 9.62
N LEU B 160 17.96 -6.07 8.49
CA LEU B 160 17.81 -5.22 7.26
C LEU B 160 16.86 -4.00 7.44
N LEU B 161 15.66 -4.23 7.96
CA LEU B 161 14.71 -3.13 8.18
C LEU B 161 15.34 -1.99 8.98
N LEU B 162 16.06 -2.33 10.04
CA LEU B 162 16.70 -1.28 10.87
C LEU B 162 17.83 -0.56 10.11
N ALA B 163 18.57 -1.29 9.29
CA ALA B 163 19.62 -0.70 8.43
C ALA B 163 18.99 0.32 7.46
N LEU B 164 17.85 -0.06 6.89
CA LEU B 164 17.16 0.78 5.90
C LEU B 164 16.70 2.08 6.53
N ARG B 165 16.19 2.01 7.76
CA ARG B 165 15.65 3.23 8.34
C ARG B 165 16.77 4.17 8.81
N GLU B 166 17.99 3.66 8.97
N GLU B 166 17.97 3.62 9.01
CA GLU B 166 19.09 4.44 9.56
CA GLU B 166 19.12 4.34 9.52
C GLU B 166 19.82 5.32 8.53
C GLU B 166 19.57 5.39 8.51
N GLN B 167 19.71 4.99 7.25
CA GLN B 167 20.30 5.88 6.23
C GLN B 167 19.80 5.55 4.86
N GLU B 168 20.00 6.47 3.93
N GLU B 168 19.98 6.48 3.93
CA GLU B 168 19.45 6.39 2.59
CA GLU B 168 19.43 6.38 2.57
C GLU B 168 20.02 5.24 1.76
C GLU B 168 20.03 5.22 1.77
N VAL B 169 21.35 5.10 1.80
CA VAL B 169 22.06 4.14 0.95
C VAL B 169 22.63 3.06 1.84
N VAL B 170 22.29 1.80 1.56
CA VAL B 170 22.75 0.68 2.41
C VAL B 170 23.53 -0.39 1.67
N THR B 171 24.43 -1.03 2.42
CA THR B 171 25.12 -2.24 2.01
C THR B 171 24.81 -3.26 3.10
N TRP B 172 24.20 -4.37 2.70
CA TRP B 172 23.70 -5.36 3.64
C TRP B 172 23.82 -6.71 2.96
N SER B 173 24.18 -7.73 3.72
CA SER B 173 24.14 -9.11 3.22
C SER B 173 23.78 -10.09 4.36
N GLY B 174 23.24 -11.25 3.99
CA GLY B 174 22.84 -12.25 4.97
C GLY B 174 22.75 -13.61 4.29
N THR B 175 21.93 -14.49 4.85
CA THR B 175 21.80 -15.84 4.32
C THR B 175 20.41 -16.14 3.76
N LYS B 176 19.41 -15.35 4.15
CA LYS B 176 18.00 -15.62 3.82
C LYS B 176 17.36 -14.50 3.02
N HIS B 177 18.17 -13.58 2.49
CA HIS B 177 17.69 -12.44 1.71
C HIS B 177 18.83 -12.01 0.78
N PRO B 178 18.51 -11.62 -0.47
CA PRO B 178 19.59 -11.17 -1.35
C PRO B 178 20.40 -9.97 -0.80
N ALA B 179 21.66 -9.89 -1.21
CA ALA B 179 22.55 -8.80 -0.82
C ALA B 179 22.09 -7.47 -1.43
N ILE B 180 22.37 -6.39 -0.74
CA ILE B 180 22.19 -5.05 -1.33
C ILE B 180 23.53 -4.37 -1.29
N ASN B 181 24.00 -3.98 -2.47
CA ASN B 181 25.33 -3.41 -2.62
C ASN B 181 25.33 -1.89 -2.89
N GLY B 182 25.17 -1.11 -1.82
CA GLY B 182 25.33 0.36 -1.92
C GLY B 182 24.19 0.97 -2.71
N ARG B 183 22.95 0.58 -2.39
CA ARG B 183 21.77 1.06 -3.12
C ARG B 183 20.91 1.98 -2.23
N GLY B 184 20.37 3.04 -2.82
CA GLY B 184 19.42 3.91 -2.10
C GLY B 184 18.02 3.30 -2.09
N VAL B 185 17.28 3.53 -1.00
CA VAL B 185 15.91 3.01 -0.88
C VAL B 185 14.96 4.20 -0.71
N TYR B 186 14.01 4.34 -1.64
CA TYR B 186 13.18 5.55 -1.74
C TYR B 186 11.68 5.17 -1.70
N PRO B 187 10.79 6.10 -1.28
CA PRO B 187 11.11 7.43 -0.81
C PRO B 187 11.51 7.41 0.67
N ARG B 188 12.27 8.43 1.08
CA ARG B 188 12.63 8.56 2.49
C ARG B 188 11.40 9.03 3.27
N PRO B 189 11.21 8.52 4.49
CA PRO B 189 10.04 8.96 5.26
C PRO B 189 10.20 10.36 5.78
N LEU B 190 9.15 10.86 6.43
CA LEU B 190 9.24 12.15 7.10
C LEU B 190 9.88 12.10 8.50
N GLN B 191 9.49 11.11 9.30
CA GLN B 191 10.05 10.94 10.65
C GLN B 191 11.56 10.65 10.55
N GLU B 192 12.33 11.19 11.49
CA GLU B 192 13.78 10.93 11.51
C GLU B 192 14.10 9.42 11.59
N ARG B 193 13.34 8.71 12.40
N ARG B 193 13.38 8.74 12.48
CA ARG B 193 13.50 7.27 12.57
CA ARG B 193 13.54 7.31 12.70
C ARG B 193 12.09 6.67 12.57
C ARG B 193 12.14 6.71 12.80
N LEU B 194 11.76 5.97 11.50
N LEU B 194 11.64 6.29 11.65
CA LEU B 194 10.45 5.30 11.41
CA LEU B 194 10.33 5.66 11.59
C LEU B 194 10.33 4.35 12.62
C LEU B 194 10.29 4.51 12.58
N PRO B 195 9.36 4.57 13.53
CA PRO B 195 9.28 3.64 14.67
C PRO B 195 9.05 2.19 14.24
N VAL B 196 9.84 1.30 14.85
CA VAL B 196 9.68 -0.13 14.67
C VAL B 196 9.51 -0.75 16.08
N TRP B 197 8.36 -1.35 16.29
CA TRP B 197 8.05 -2.07 17.54
C TRP B 197 8.14 -3.56 17.27
N ILE B 198 8.48 -4.33 18.30
CA ILE B 198 8.50 -5.77 18.21
C ILE B 198 7.31 -6.31 19.03
N ALA B 199 6.44 -7.05 18.35
CA ALA B 199 5.33 -7.75 19.04
C ALA B 199 5.84 -9.07 19.61
N VAL B 200 5.51 -9.32 20.87
CA VAL B 200 5.94 -10.53 21.55
C VAL B 200 4.72 -11.18 22.21
N GLY B 201 4.73 -12.51 22.30
CA GLY B 201 3.61 -13.24 22.91
C GLY B 201 3.87 -13.79 24.30
N GLY B 202 5.06 -13.61 24.83
CA GLY B 202 5.28 -14.11 26.19
C GLY B 202 6.24 -15.27 26.29
N THR B 203 7.14 -15.33 25.32
CA THR B 203 8.26 -16.26 25.32
C THR B 203 9.48 -15.41 25.66
N PRO B 204 10.20 -15.79 26.74
CA PRO B 204 11.33 -15.00 27.23
C PRO B 204 12.33 -14.58 26.14
N GLN B 205 12.60 -15.47 25.22
CA GLN B 205 13.62 -15.27 24.21
C GLN B 205 13.33 -14.04 23.33
N SER B 206 12.09 -13.96 22.86
CA SER B 206 11.66 -12.85 22.03
C SER B 206 11.74 -11.51 22.77
N VAL B 207 11.23 -11.51 23.99
CA VAL B 207 11.24 -10.32 24.83
C VAL B 207 12.67 -9.83 25.12
N ALA B 208 13.54 -10.75 25.55
CA ALA B 208 14.93 -10.42 25.85
C ALA B 208 15.66 -9.88 24.62
N ARG B 209 15.44 -10.50 23.48
CA ARG B 209 16.10 -10.04 22.28
C ARG B 209 15.72 -8.58 21.97
N ALA B 210 14.43 -8.26 22.03
CA ALA B 210 13.96 -6.88 21.82
C ALA B 210 14.66 -5.88 22.78
N GLY B 211 14.77 -6.25 24.05
CA GLY B 211 15.44 -5.40 25.05
C GLY B 211 16.92 -5.19 24.76
N ALA B 212 17.62 -6.28 24.46
CA ALA B 212 19.04 -6.26 24.10
C ALA B 212 19.32 -5.37 22.87
N MSE B 213 18.35 -5.29 21.96
CA MSE B 213 18.41 -4.47 20.77
C MSE B 213 17.84 -3.06 20.98
O MSE B 213 17.89 -2.23 20.07
CB MSE B 213 17.65 -5.14 19.64
CG MSE B 213 18.31 -6.40 19.13
SE MSE B 213 17.24 -7.22 17.72
CE MSE B 213 15.48 -7.21 18.52
N GLY B 214 17.30 -2.82 22.16
CA GLY B 214 16.82 -1.51 22.54
C GLY B 214 15.61 -1.06 21.73
N LEU B 215 14.75 -2.00 21.31
CA LEU B 215 13.55 -1.69 20.53
C LEU B 215 12.30 -1.72 21.44
N PRO B 216 11.31 -0.85 21.19
CA PRO B 216 10.05 -0.90 21.97
C PRO B 216 9.36 -2.26 21.72
N VAL B 217 8.65 -2.73 22.74
CA VAL B 217 8.02 -4.04 22.69
C VAL B 217 6.52 -3.93 22.97
N ALA B 218 5.75 -4.75 22.28
CA ALA B 218 4.28 -4.80 22.52
C ALA B 218 3.95 -6.24 22.90
N LEU B 219 3.48 -6.42 24.12
CA LEU B 219 3.15 -7.73 24.65
C LEU B 219 1.66 -8.08 24.49
N ALA B 220 1.38 -9.20 23.83
CA ALA B 220 -0.01 -9.73 23.76
C ALA B 220 -0.39 -10.41 25.09
N ILE B 221 -1.48 -9.94 25.71
CA ILE B 221 -1.95 -10.50 26.99
C ILE B 221 -3.07 -11.49 26.69
N ILE B 222 -2.71 -12.78 26.64
CA ILE B 222 -3.69 -13.78 26.24
C ILE B 222 -3.76 -14.86 27.33
N GLY B 223 -4.92 -14.98 27.96
CA GLY B 223 -5.14 -16.05 28.94
C GLY B 223 -4.64 -15.77 30.36
N GLY B 224 -5.46 -16.14 31.33
CA GLY B 224 -5.11 -16.01 32.74
C GLY B 224 -5.18 -14.58 33.21
N GLU B 225 -4.58 -14.33 34.37
CA GLU B 225 -4.58 -13.00 34.94
C GLU B 225 -3.48 -12.19 34.30
N TYR B 226 -3.79 -10.95 33.96
CA TYR B 226 -2.81 -10.12 33.28
C TYR B 226 -1.52 -9.97 34.10
N ARG B 227 -1.66 -9.96 35.44
N ARG B 227 -1.63 -9.95 35.43
CA ARG B 227 -0.54 -9.84 36.37
CA ARG B 227 -0.44 -9.74 36.28
C ARG B 227 0.60 -10.79 36.08
C ARG B 227 0.64 -10.80 36.08
N ARG B 228 0.26 -11.98 35.62
CA ARG B 228 1.25 -13.05 35.43
C ARG B 228 2.29 -12.69 34.37
N PHE B 229 1.94 -11.76 33.49
CA PHE B 229 2.84 -11.30 32.41
C PHE B 229 3.89 -10.27 32.85
N ALA B 230 3.66 -9.63 34.00
CA ALA B 230 4.55 -8.54 34.44
C ALA B 230 6.05 -8.87 34.42
N PRO B 231 6.47 -10.08 34.90
CA PRO B 231 7.89 -10.45 34.86
C PRO B 231 8.52 -10.40 33.46
N LEU B 232 7.72 -10.51 32.41
CA LEU B 232 8.28 -10.45 31.05
C LEU B 232 8.89 -9.08 30.81
N PHE B 233 8.26 -8.05 31.36
CA PHE B 233 8.80 -6.70 31.20
C PHE B 233 10.09 -6.52 32.05
N ASP B 234 10.17 -7.23 33.20
CA ASP B 234 11.44 -7.33 33.95
C ASP B 234 12.56 -7.80 33.05
N LEU B 235 12.30 -8.88 32.33
CA LEU B 235 13.28 -9.50 31.48
C LEU B 235 13.71 -8.58 30.33
N TYR B 236 12.73 -7.89 29.72
CA TYR B 236 12.99 -6.85 28.73
C TYR B 236 13.99 -5.79 29.26
N HIS B 237 13.67 -5.21 30.41
CA HIS B 237 14.50 -4.15 31.00
C HIS B 237 15.87 -4.68 31.43
N GLU B 238 15.90 -5.92 31.94
CA GLU B 238 17.19 -6.52 32.39
C GLU B 238 18.07 -6.83 31.18
N ALA B 239 17.49 -7.35 30.11
CA ALA B 239 18.23 -7.55 28.87
C ALA B 239 18.77 -6.23 28.36
N ALA B 240 17.97 -5.17 28.47
CA ALA B 240 18.40 -3.84 28.04
C ALA B 240 19.53 -3.35 28.96
N ARG B 241 19.36 -3.48 30.27
CA ARG B 241 20.40 -3.05 31.22
C ARG B 241 21.74 -3.73 30.92
N ARG B 242 21.73 -5.05 30.75
N ARG B 242 21.72 -5.06 30.78
CA ARG B 242 22.97 -5.81 30.50
CA ARG B 242 22.94 -5.81 30.50
C ARG B 242 23.55 -5.65 29.09
C ARG B 242 23.59 -5.34 29.20
N ALA B 243 22.76 -5.12 28.16
CA ALA B 243 23.25 -4.72 26.83
C ALA B 243 23.65 -3.24 26.81
N GLY B 244 23.44 -2.56 27.93
CA GLY B 244 23.68 -1.14 28.05
C GLY B 244 22.90 -0.26 27.09
N GLN B 245 21.63 -0.60 26.85
CA GLN B 245 20.76 0.24 26.01
C GLN B 245 20.20 1.43 26.79
N GLU B 246 20.06 2.57 26.11
N GLU B 246 20.11 2.60 26.15
CA GLU B 246 19.49 3.78 26.70
CA GLU B 246 19.62 3.80 26.84
C GLU B 246 18.12 3.47 27.29
C GLU B 246 18.15 3.63 27.24
N LYS B 247 17.85 3.95 28.51
CA LYS B 247 16.52 3.75 29.12
C LYS B 247 15.37 4.36 28.29
N THR B 248 15.70 5.43 27.58
CA THR B 248 14.74 6.27 26.90
C THR B 248 14.41 5.71 25.52
N LYS B 249 15.22 4.78 25.03
CA LYS B 249 14.86 4.03 23.82
C LYS B 249 13.63 3.17 24.12
N LEU B 250 13.57 2.69 25.37
CA LEU B 250 12.70 1.59 25.71
C LEU B 250 11.26 2.09 25.85
N ARG B 251 10.34 1.38 25.21
N ARG B 251 10.34 1.38 25.21
CA ARG B 251 8.90 1.67 25.29
CA ARG B 251 8.92 1.65 25.39
C ARG B 251 8.21 0.33 25.40
C ARG B 251 8.21 0.33 25.40
N THR B 252 7.12 0.29 26.15
CA THR B 252 6.35 -0.94 26.27
C THR B 252 4.89 -0.67 26.00
N SER B 253 4.22 -1.67 25.43
CA SER B 253 2.80 -1.61 25.20
C SER B 253 2.21 -2.94 25.67
N ILE B 254 0.94 -2.89 26.07
CA ILE B 254 0.19 -4.15 26.18
C ILE B 254 -0.94 -4.15 25.15
N ASN B 255 -1.13 -5.30 24.52
CA ASN B 255 -2.11 -5.47 23.44
C ASN B 255 -3.14 -6.48 23.98
N VAL B 256 -4.37 -6.05 24.15
CA VAL B 256 -5.37 -6.86 24.83
C VAL B 256 -6.68 -6.91 24.02
N HIS B 257 -7.49 -7.91 24.32
CA HIS B 257 -8.82 -8.00 23.76
C HIS B 257 -9.82 -7.41 24.74
N GLY B 258 -10.92 -6.89 24.21
CA GLY B 258 -11.96 -6.38 25.10
C GLY B 258 -13.03 -5.61 24.36
N PHE B 259 -13.86 -4.90 25.13
CA PHE B 259 -14.96 -4.19 24.49
C PHE B 259 -15.54 -3.19 25.49
N ILE B 260 -15.96 -2.04 24.98
CA ILE B 260 -16.57 -0.99 25.84
C ILE B 260 -18.01 -0.75 25.36
N ALA B 261 -18.96 -0.67 26.30
CA ALA B 261 -20.34 -0.36 25.94
C ALA B 261 -20.93 0.49 27.05
N ASP B 262 -22.20 0.84 26.89
CA ASP B 262 -22.81 1.80 27.80
C ASP B 262 -22.99 1.22 29.21
N THR B 263 -23.10 -0.11 29.28
CA THR B 263 -23.17 -0.80 30.58
C THR B 263 -22.28 -2.04 30.50
N THR B 264 -21.90 -2.53 31.65
CA THR B 264 -20.98 -3.68 31.69
C THR B 264 -21.69 -4.92 31.15
N ASP B 265 -22.97 -5.12 31.54
CA ASP B 265 -23.76 -6.22 30.99
C ASP B 265 -23.94 -6.14 29.49
N LYS B 266 -24.16 -4.93 28.95
CA LYS B 266 -24.26 -4.80 27.50
C LYS B 266 -22.92 -5.17 26.85
N ALA B 267 -21.82 -4.68 27.42
CA ALA B 267 -20.51 -5.03 26.85
C ALA B 267 -20.31 -6.57 26.85
N ALA B 268 -20.57 -7.21 27.98
CA ALA B 268 -20.42 -8.66 28.09
C ALA B 268 -21.34 -9.40 27.10
N ASP B 269 -22.63 -9.05 27.08
N ASP B 269 -22.62 -9.01 27.08
CA ASP B 269 -23.62 -9.74 26.25
CA ASP B 269 -23.68 -9.67 26.28
C ASP B 269 -23.24 -9.59 24.77
C ASP B 269 -23.44 -9.52 24.78
N GLN B 270 -22.91 -8.37 24.37
CA GLN B 270 -22.62 -8.08 22.97
C GLN B 270 -21.34 -8.77 22.51
N PHE B 271 -20.35 -8.86 23.40
CA PHE B 271 -19.06 -9.52 23.09
C PHE B 271 -19.20 -11.05 23.08
N TYR B 272 -20.03 -11.59 23.94
CA TYR B 272 -20.24 -13.05 24.09
C TYR B 272 -21.36 -13.60 23.17
N GLY B 273 -22.19 -12.72 22.61
CA GLY B 273 -23.36 -13.17 21.82
C GLY B 273 -22.95 -14.15 20.71
N PRO B 274 -23.72 -15.26 20.54
CA PRO B 274 -23.37 -16.31 19.55
C PRO B 274 -23.24 -15.78 18.12
N GLN B 275 -24.09 -14.83 17.74
CA GLN B 275 -24.08 -14.27 16.39
C GLN B 275 -22.78 -13.53 16.01
N ALA B 276 -22.10 -12.95 16.99
CA ALA B 276 -20.84 -12.19 16.73
C ALA B 276 -19.64 -13.12 16.52
N GLU B 277 -19.76 -14.37 16.99
CA GLU B 277 -18.67 -15.37 16.86
C GLU B 277 -17.31 -14.92 17.44
N VAL B 278 -17.35 -14.01 18.41
CA VAL B 278 -16.11 -13.58 19.04
C VAL B 278 -15.44 -14.74 19.83
N MSE B 279 -16.24 -15.52 20.57
CA MSE B 279 -15.67 -16.54 21.46
C MSE B 279 -14.93 -17.69 20.73
O MSE B 279 -14.03 -18.33 21.32
CB MSE B 279 -16.71 -17.06 22.48
CG MSE B 279 -17.30 -15.95 23.38
SE MSE B 279 -15.89 -15.01 24.41
CE MSE B 279 -16.46 -13.22 24.08
N ASN B 280 -15.31 -17.93 19.47
N ASN B 280 -15.28 -17.94 19.47
CA ASN B 280 -14.64 -18.92 18.61
CA ASN B 280 -14.60 -18.98 18.66
C ASN B 280 -13.14 -18.66 18.44
C ASN B 280 -13.15 -18.63 18.27
N ARG B 281 -12.75 -17.39 18.52
CA ARG B 281 -11.34 -17.00 18.46
C ARG B 281 -10.79 -16.72 19.88
N ILE B 282 -11.52 -15.88 20.64
CA ILE B 282 -11.09 -15.45 21.98
C ILE B 282 -10.95 -16.64 22.94
N GLY B 283 -11.99 -17.45 23.03
CA GLY B 283 -11.92 -18.58 23.96
C GLY B 283 -10.96 -19.65 23.47
N ARG B 284 -10.98 -19.88 22.16
N ARG B 284 -10.98 -19.91 22.16
CA ARG B 284 -10.25 -20.97 21.55
CA ARG B 284 -10.16 -20.99 21.58
C ARG B 284 -8.75 -20.88 21.90
C ARG B 284 -8.68 -20.79 21.92
N GLU B 285 -8.19 -19.70 21.71
N GLU B 285 -8.18 -19.57 21.72
CA GLU B 285 -6.75 -19.48 21.96
CA GLU B 285 -6.77 -19.28 21.93
C GLU B 285 -6.37 -19.52 23.44
C GLU B 285 -6.35 -19.23 23.42
N ARG B 286 -7.35 -19.26 24.31
CA ARG B 286 -7.15 -19.29 25.76
C ARG B 286 -7.44 -20.68 26.34
N GLY B 287 -7.87 -21.61 25.48
CA GLY B 287 -8.13 -23.00 25.93
C GLY B 287 -9.54 -23.28 26.47
N TRP B 288 -10.50 -22.43 26.14
CA TRP B 288 -11.89 -22.74 26.48
C TRP B 288 -12.90 -22.51 25.35
N GLY B 289 -14.02 -23.21 25.47
CA GLY B 289 -15.07 -23.22 24.45
C GLY B 289 -15.93 -21.97 24.47
N PRO B 290 -16.63 -21.69 23.37
CA PRO B 290 -17.36 -20.44 23.16
C PRO B 290 -18.50 -20.21 24.17
N THR B 291 -19.04 -21.30 24.72
CA THR B 291 -20.08 -21.17 25.74
C THR B 291 -19.58 -21.45 27.16
N ASN B 292 -18.26 -21.37 27.33
CA ASN B 292 -17.71 -21.55 28.68
C ASN B 292 -17.84 -20.20 29.41
N ARG B 293 -19.02 -19.98 29.99
CA ARG B 293 -19.35 -18.70 30.64
C ARG B 293 -18.47 -18.50 31.88
N ALA B 294 -18.22 -19.58 32.62
CA ALA B 294 -17.35 -19.50 33.81
C ALA B 294 -15.98 -18.89 33.44
N HIS B 295 -15.38 -19.36 32.35
CA HIS B 295 -14.08 -18.84 31.93
C HIS B 295 -14.14 -17.41 31.40
N PHE B 296 -15.14 -17.10 30.58
CA PHE B 296 -15.31 -15.75 30.06
C PHE B 296 -15.53 -14.77 31.24
N ASP B 297 -16.34 -15.17 32.21
CA ASP B 297 -16.64 -14.29 33.32
C ASP B 297 -15.40 -14.05 34.16
N ALA B 298 -14.61 -15.11 34.35
CA ALA B 298 -13.34 -14.98 35.06
C ALA B 298 -12.36 -14.07 34.27
N ALA B 299 -12.36 -14.23 32.95
CA ALA B 299 -11.44 -13.50 32.07
C ALA B 299 -11.73 -11.99 32.08
N ARG B 300 -13.00 -11.61 32.20
CA ARG B 300 -13.37 -10.20 32.20
C ARG B 300 -13.42 -9.57 33.61
N GLY B 301 -13.23 -10.36 34.68
CA GLY B 301 -13.16 -9.82 36.05
C GLY B 301 -11.93 -8.89 36.22
N PRO B 302 -11.79 -8.26 37.40
CA PRO B 302 -10.73 -7.26 37.63
C PRO B 302 -9.30 -7.71 37.28
N GLU B 303 -8.97 -8.97 37.58
CA GLU B 303 -7.62 -9.49 37.31
C GLU B 303 -7.45 -10.16 35.93
N GLY B 304 -8.54 -10.36 35.20
CA GLY B 304 -8.50 -11.16 34.00
C GLY B 304 -7.94 -10.42 32.80
N ASN B 305 -7.68 -11.16 31.72
CA ASN B 305 -7.04 -10.57 30.56
C ASN B 305 -7.97 -9.80 29.61
N LEU B 306 -9.28 -9.91 29.79
CA LEU B 306 -10.24 -9.19 28.91
C LEU B 306 -10.62 -7.85 29.52
N PHE B 307 -10.36 -6.76 28.77
CA PHE B 307 -10.60 -5.39 29.24
C PHE B 307 -11.99 -5.00 28.73
N LEU B 308 -12.99 -5.28 29.58
CA LEU B 308 -14.38 -5.28 29.08
C LEU B 308 -15.38 -4.72 30.11
N GLY B 309 -16.26 -3.83 29.64
CA GLY B 309 -17.30 -3.30 30.53
C GLY B 309 -17.72 -1.90 30.17
N GLU B 310 -18.45 -1.27 31.10
CA GLU B 310 -18.78 0.15 30.95
C GLU B 310 -17.47 0.99 31.01
N PRO B 311 -17.53 2.26 30.57
CA PRO B 311 -16.26 3.02 30.49
C PRO B 311 -15.46 3.13 31.80
N GLU B 312 -16.12 3.38 32.93
N GLU B 312 -16.15 3.36 32.91
CA GLU B 312 -15.40 3.56 34.19
CA GLU B 312 -15.54 3.50 34.22
C GLU B 312 -14.69 2.27 34.64
C GLU B 312 -14.70 2.29 34.58
N LEU B 313 -15.30 1.11 34.36
CA LEU B 313 -14.69 -0.18 34.69
C LEU B 313 -13.45 -0.41 33.85
N VAL B 314 -13.56 -0.16 32.55
CA VAL B 314 -12.42 -0.37 31.66
C VAL B 314 -11.28 0.60 32.01
N ALA B 315 -11.63 1.86 32.29
CA ALA B 315 -10.60 2.87 32.61
C ALA B 315 -9.87 2.46 33.88
N GLU B 316 -10.61 1.99 34.88
N GLU B 316 -10.64 1.99 34.86
CA GLU B 316 -9.96 1.56 36.12
CA GLU B 316 -10.09 1.49 36.11
C GLU B 316 -9.01 0.37 35.89
C GLU B 316 -9.05 0.40 35.88
N LYS B 317 -9.40 -0.57 35.04
CA LYS B 317 -8.50 -1.67 34.75
C LYS B 317 -7.22 -1.20 34.01
N ILE B 318 -7.36 -0.28 33.05
CA ILE B 318 -6.20 0.30 32.35
C ILE B 318 -5.26 0.95 33.36
N ILE B 319 -5.85 1.72 34.28
CA ILE B 319 -5.06 2.41 35.32
C ILE B 319 -4.33 1.40 36.24
N LYS B 320 -5.05 0.37 36.67
N LYS B 320 -5.06 0.36 36.68
CA LYS B 320 -4.48 -0.68 37.51
CA LYS B 320 -4.52 -0.71 37.51
C LYS B 320 -3.37 -1.44 36.77
C LYS B 320 -3.39 -1.45 36.78
N ALA B 321 -3.62 -1.76 35.50
CA ALA B 321 -2.65 -2.47 34.68
C ALA B 321 -1.36 -1.62 34.52
N HIS B 322 -1.52 -0.30 34.41
CA HIS B 322 -0.34 0.55 34.41
C HIS B 322 0.47 0.43 35.70
N GLY B 323 -0.19 0.32 36.86
CA GLY B 323 0.55 0.21 38.11
C GLY B 323 1.40 -1.07 38.09
N VAL B 324 0.93 -2.07 37.36
CA VAL B 324 1.60 -3.36 37.29
C VAL B 324 2.75 -3.36 36.25
N PHE B 325 2.46 -2.83 35.06
CA PHE B 325 3.35 -2.92 33.89
C PHE B 325 4.22 -1.70 33.64
N LYS B 326 3.77 -0.53 34.11
CA LYS B 326 4.29 0.78 33.76
C LYS B 326 4.41 0.94 32.24
N ASN B 327 3.42 0.40 31.54
CA ASN B 327 3.42 0.49 30.09
C ASN B 327 3.19 1.91 29.59
N ASP B 328 3.83 2.23 28.46
CA ASP B 328 3.68 3.52 27.74
C ASP B 328 2.47 3.60 26.80
N ARG B 329 1.99 2.42 26.42
CA ARG B 329 0.98 2.34 25.42
C ARG B 329 0.02 1.18 25.77
N PHE B 330 -1.25 1.35 25.42
CA PHE B 330 -2.32 0.36 25.65
C PHE B 330 -3.10 0.25 24.37
N LEU B 331 -3.17 -0.95 23.77
CA LEU B 331 -3.90 -1.17 22.53
C LEU B 331 -5.01 -2.20 22.72
N LEU B 332 -6.22 -1.83 22.32
CA LEU B 332 -7.40 -2.66 22.59
C LEU B 332 -7.94 -3.20 21.27
N GLN B 333 -8.22 -4.51 21.20
CA GLN B 333 -8.85 -5.12 20.01
C GLN B 333 -10.28 -5.48 20.39
N MSE B 334 -11.24 -4.71 19.84
N MSE B 334 -11.23 -4.73 19.81
CA MSE B 334 -12.68 -4.92 20.06
CA MSE B 334 -12.65 -4.90 20.09
C MSE B 334 -13.32 -5.55 18.82
C MSE B 334 -13.46 -5.33 18.85
O MSE B 334 -14.17 -6.47 18.91
O MSE B 334 -14.54 -5.92 19.00
CB MSE B 334 -13.40 -3.59 20.34
CB MSE B 334 -13.24 -3.60 20.65
CG MSE B 334 -12.79 -2.76 21.46
CG MSE B 334 -13.22 -2.46 19.67
SE MSE B 334 -13.89 -1.16 21.90
SE MSE B 334 -14.45 -1.05 20.20
CE MSE B 334 -13.71 -0.21 20.24
CE MSE B 334 -13.46 -0.33 21.70
N ALA B 335 -12.95 -5.02 17.65
CA ALA B 335 -13.63 -5.42 16.39
C ALA B 335 -13.10 -6.81 16.02
N ILE B 336 -13.82 -7.82 16.49
CA ILE B 336 -13.44 -9.25 16.34
C ILE B 336 -14.62 -10.00 15.73
N GLY B 337 -14.34 -11.02 14.92
CA GLY B 337 -15.39 -11.84 14.32
C GLY B 337 -16.46 -10.99 13.64
N LEU B 338 -17.71 -11.27 13.93
CA LEU B 338 -18.82 -10.61 13.26
C LEU B 338 -19.48 -9.57 14.19
N MSE B 339 -18.70 -8.97 15.09
CA MSE B 339 -19.24 -7.89 15.94
C MSE B 339 -19.94 -6.88 15.02
O MSE B 339 -19.33 -6.43 14.04
CB MSE B 339 -18.16 -7.13 16.70
CG MSE B 339 -17.58 -7.81 17.94
SE MSE B 339 -19.01 -8.06 19.27
CE MSE B 339 -19.23 -6.20 19.80
N PRO B 340 -21.17 -6.50 15.36
CA PRO B 340 -21.88 -5.52 14.51
C PRO B 340 -21.14 -4.16 14.48
N HIS B 341 -21.10 -3.56 13.30
CA HIS B 341 -20.42 -2.28 13.10
C HIS B 341 -20.92 -1.16 14.07
N ASP B 342 -22.23 -1.08 14.26
N ASP B 342 -22.23 -1.06 14.25
CA ASP B 342 -22.83 -0.04 15.13
CA ASP B 342 -22.77 0.02 15.11
C ASP B 342 -22.27 -0.13 16.56
C ASP B 342 -22.34 -0.12 16.59
N GLN B 343 -22.17 -1.36 17.05
CA GLN B 343 -21.65 -1.63 18.39
C GLN B 343 -20.18 -1.24 18.51
N ILE B 344 -19.37 -1.57 17.49
N ILE B 344 -19.40 -1.57 17.47
CA ILE B 344 -17.96 -1.14 17.49
CA ILE B 344 -17.99 -1.18 17.40
C ILE B 344 -17.86 0.40 17.48
C ILE B 344 -17.83 0.36 17.41
N MSE B 345 -18.65 1.03 16.61
CA MSE B 345 -18.63 2.50 16.51
C MSE B 345 -18.97 3.16 17.87
O MSE B 345 -18.26 4.10 18.29
CB MSE B 345 -19.55 2.98 15.40
CG MSE B 345 -19.05 2.60 14.00
SE MSE B 345 -17.34 3.45 13.50
CE MSE B 345 -18.06 5.20 13.05
N ARG B 346 -19.97 2.63 18.56
CA ARG B 346 -20.35 3.14 19.90
C ARG B 346 -19.18 2.92 20.87
N GLY B 347 -18.54 1.74 20.78
CA GLY B 347 -17.40 1.40 21.66
C GLY B 347 -16.25 2.37 21.44
N ILE B 348 -16.00 2.71 20.18
CA ILE B 348 -14.91 3.63 19.86
C ILE B 348 -15.21 5.03 20.42
N GLU B 349 -16.43 5.49 20.20
N GLU B 349 -16.44 5.49 20.21
CA GLU B 349 -16.88 6.76 20.78
CA GLU B 349 -16.86 6.76 20.76
C GLU B 349 -16.69 6.78 22.29
C GLU B 349 -16.71 6.80 22.29
N LEU B 350 -17.18 5.76 22.99
CA LEU B 350 -17.02 5.68 24.45
C LEU B 350 -15.56 5.61 24.88
N TYR B 351 -14.76 4.85 24.12
CA TYR B 351 -13.32 4.74 24.37
C TYR B 351 -12.65 6.15 24.33
N GLY B 352 -12.87 6.91 23.26
CA GLY B 352 -12.21 8.22 23.12
C GLY B 352 -12.78 9.28 24.03
N THR B 353 -14.08 9.25 24.27
CA THR B 353 -14.72 10.36 24.98
C THR B 353 -14.87 10.15 26.49
N LYS B 354 -14.89 8.90 26.94
CA LYS B 354 -15.06 8.62 28.38
C LYS B 354 -13.86 7.92 28.99
N VAL B 355 -13.45 6.80 28.38
CA VAL B 355 -12.35 6.01 28.93
C VAL B 355 -11.05 6.79 28.94
N ALA B 356 -10.65 7.30 27.75
CA ALA B 356 -9.35 7.99 27.59
C ALA B 356 -9.16 9.16 28.57
N PRO B 357 -10.12 10.10 28.65
CA PRO B 357 -9.98 11.21 29.61
C PRO B 357 -9.77 10.78 31.07
N LEU B 358 -10.49 9.75 31.51
CA LEU B 358 -10.34 9.18 32.85
C LEU B 358 -8.90 8.67 33.07
N VAL B 359 -8.42 7.88 32.10
CA VAL B 359 -7.08 7.31 32.20
C VAL B 359 -6.03 8.42 32.17
N ARG B 360 -6.14 9.34 31.22
CA ARG B 360 -5.16 10.42 31.10
C ARG B 360 -5.13 11.31 32.33
N LYS B 361 -6.30 11.59 32.91
N LYS B 361 -6.29 11.61 32.91
CA LYS B 361 -6.44 12.44 34.10
CA LYS B 361 -6.34 12.46 34.11
C LYS B 361 -5.72 11.83 35.31
C LYS B 361 -5.58 11.80 35.24
N GLU B 362 -5.91 10.53 35.49
CA GLU B 362 -5.33 9.80 36.60
C GLU B 362 -3.82 9.58 36.47
N LEU B 363 -3.36 9.26 35.26
CA LEU B 363 -1.96 8.89 35.04
C LEU B 363 -1.07 10.09 34.82
N THR B 364 -1.54 11.05 34.02
CA THR B 364 -0.84 12.30 33.80
C THR B 364 -1.36 13.32 34.81
N GLY B 365 -2.48 13.95 34.48
CA GLY B 365 -3.07 15.01 35.30
C GLY B 365 -4.06 15.83 34.47
S SO4 C . 9.41 -4.29 -24.11
O1 SO4 C . 9.87 -4.00 -25.46
O2 SO4 C . 9.99 -3.32 -23.20
O3 SO4 C . 7.95 -4.16 -24.09
O4 SO4 C . 9.76 -5.67 -23.74
C1 PEG D . 13.82 0.23 -11.96
O1 PEG D . 13.94 -1.14 -12.36
C2 PEG D . 12.45 0.51 -11.34
O2 PEG D . 11.93 1.62 -12.08
C3 PEG D . 10.88 1.21 -12.96
C4 PEG D . 11.19 1.56 -14.40
O4 PEG D . 11.45 0.39 -15.18
S SO4 E . 6.78 -14.72 20.15
O1 SO4 E . 6.45 -14.22 18.82
O2 SO4 E . 6.94 -13.65 21.13
O3 SO4 E . 5.73 -15.63 20.60
O4 SO4 E . 8.06 -15.44 20.00
S SO4 F . -8.61 -16.89 30.13
O1 SO4 F . -7.63 -17.06 29.09
O2 SO4 F . -8.09 -15.94 31.09
O3 SO4 F . -9.85 -16.40 29.58
O4 SO4 F . -8.82 -18.16 30.83
#